data_1VGG
#
_entry.id   1VGG
#
_cell.length_a   85.490
_cell.length_b   100.440
_cell.length_c   104.690
_cell.angle_alpha   90.00
_cell.angle_beta   90.00
_cell.angle_gamma   90.00
#
_symmetry.space_group_name_H-M   'P 21 21 21'
#
loop_
_entity.id
_entity.type
_entity.pdbx_description
1 polymer 'Conserved Hypothetical Protein TT1634 (TTHA1091)'
2 water water
#
_entity_poly.entity_id   1
_entity_poly.type   'polypeptide(L)'
_entity_poly.pdbx_seq_one_letter_code
;(MSE)ELKLIPIEKPENLNVILGQAHFIKTVEDLHEALVTAVPGIRFGLAFSEASGKRLVRRSGTDEALVELAVKNLLNL
ACGHVFLIVLGEGFYPINVLHAVKACPEVVRIYAATANPLKVVVAEEGEQRAILGV(MSE)DGFTPLGVEDEAEVAWRKD
LLRRLGYKL
;
_entity_poly.pdbx_strand_id   A,B,C,D,E,F
#
# COMPACT_ATOMS: atom_id res chain seq x y z
N GLU A 2 1.83 -25.84 27.70
CA GLU A 2 0.80 -25.35 28.61
C GLU A 2 0.20 -24.05 28.08
N LEU A 3 -1.08 -23.80 28.34
CA LEU A 3 -1.71 -22.57 27.90
C LEU A 3 -1.83 -21.60 29.08
N LYS A 4 -1.59 -20.33 28.82
CA LYS A 4 -1.69 -19.32 29.86
C LYS A 4 -2.46 -18.11 29.35
N LEU A 5 -3.05 -17.35 30.27
CA LEU A 5 -3.81 -16.15 29.90
C LEU A 5 -3.10 -14.98 30.56
N ILE A 6 -2.56 -14.08 29.76
CA ILE A 6 -1.82 -12.95 30.28
C ILE A 6 -2.46 -11.59 30.06
N PRO A 7 -2.92 -10.94 31.14
CA PRO A 7 -3.56 -9.64 31.01
C PRO A 7 -2.52 -8.57 30.65
N ILE A 8 -2.90 -7.64 29.79
CA ILE A 8 -1.99 -6.56 29.43
C ILE A 8 -2.25 -5.42 30.41
N GLU A 9 -1.18 -4.88 30.99
CA GLU A 9 -1.32 -3.80 31.93
C GLU A 9 -1.31 -2.50 31.15
N LYS A 10 -2.40 -1.74 31.24
CA LYS A 10 -2.45 -0.47 30.52
C LYS A 10 -3.59 0.42 31.03
N PRO A 11 -3.28 1.69 31.28
CA PRO A 11 -4.30 2.63 31.77
C PRO A 11 -5.49 2.60 30.83
N GLU A 12 -6.69 2.72 31.38
CA GLU A 12 -7.90 2.69 30.58
C GLU A 12 -7.97 3.77 29.49
N ASN A 13 -7.16 4.82 29.65
CA ASN A 13 -7.17 5.92 28.68
C ASN A 13 -6.15 5.76 27.55
N LEU A 14 -5.42 4.66 27.54
CA LEU A 14 -4.40 4.46 26.50
C LEU A 14 -4.74 3.36 25.50
N ASN A 15 -4.15 3.47 24.32
CA ASN A 15 -4.33 2.48 23.26
C ASN A 15 -3.03 1.70 23.11
N VAL A 16 -3.14 0.45 22.67
CA VAL A 16 -1.96 -0.37 22.45
C VAL A 16 -2.07 -1.06 21.12
N ILE A 17 -0.92 -1.39 20.55
CA ILE A 17 -0.85 -2.13 19.29
C ILE A 17 0.14 -3.25 19.59
N LEU A 18 -0.35 -4.49 19.49
CA LEU A 18 0.45 -5.68 19.76
C LEU A 18 0.60 -6.47 18.46
N GLY A 19 1.85 -6.77 18.08
CA GLY A 19 2.06 -7.51 16.84
C GLY A 19 3.26 -8.42 16.84
N GLN A 20 3.59 -8.92 15.65
CA GLN A 20 4.71 -9.83 15.46
C GLN A 20 5.66 -9.24 14.40
N ALA A 21 6.95 -9.25 14.70
CA ALA A 21 7.93 -8.72 13.75
C ALA A 21 9.14 -9.65 13.69
N HIS A 22 10.23 -9.16 13.13
CA HIS A 22 11.47 -9.95 13.03
C HIS A 22 12.59 -9.00 12.66
N PHE A 23 13.83 -9.39 12.98
CA PHE A 23 15.04 -8.60 12.68
C PHE A 23 15.17 -7.40 13.61
N ILE A 24 16.37 -7.16 14.09
CA ILE A 24 16.61 -6.08 15.04
C ILE A 24 16.22 -4.68 14.55
N LYS A 25 16.20 -4.49 13.23
CA LYS A 25 15.86 -3.19 12.65
C LYS A 25 14.40 -2.79 12.93
N THR A 26 13.65 -3.72 13.51
CA THR A 26 12.25 -3.47 13.87
C THR A 26 12.13 -2.24 14.76
N VAL A 27 13.05 -2.12 15.73
CA VAL A 27 13.03 -1.02 16.68
C VAL A 27 13.19 0.36 16.07
N GLU A 28 14.28 0.60 15.33
CA GLU A 28 14.45 1.91 14.72
C GLU A 28 13.37 2.17 13.66
N ASP A 29 13.06 1.17 12.85
CA ASP A 29 12.05 1.36 11.80
C ASP A 29 10.67 1.73 12.33
N LEU A 30 10.19 1.03 13.36
CA LEU A 30 8.87 1.34 13.91
C LEU A 30 8.86 2.69 14.62
N HIS A 31 9.93 3.03 15.32
CA HIS A 31 10.01 4.31 16.00
C HIS A 31 9.93 5.40 14.93
N GLU A 32 10.72 5.23 13.86
CA GLU A 32 10.72 6.21 12.77
C GLU A 32 9.35 6.31 12.11
N ALA A 33 8.70 5.17 11.91
CA ALA A 33 7.38 5.16 11.26
C ALA A 33 6.35 5.96 12.07
N LEU A 34 6.40 5.82 13.39
CA LEU A 34 5.46 6.52 14.25
C LEU A 34 5.69 8.04 14.27
N VAL A 35 6.94 8.47 14.41
CA VAL A 35 7.21 9.91 14.44
C VAL A 35 7.01 10.57 13.08
N THR A 36 7.11 9.78 12.01
CA THR A 36 6.90 10.32 10.68
C THR A 36 5.39 10.44 10.41
N ALA A 37 4.61 9.54 11.00
CA ALA A 37 3.16 9.54 10.81
C ALA A 37 2.41 10.66 11.55
N VAL A 38 2.85 10.95 12.76
CA VAL A 38 2.16 11.95 13.57
C VAL A 38 3.15 12.86 14.28
N PRO A 39 3.04 14.18 14.06
CA PRO A 39 3.97 15.12 14.70
C PRO A 39 3.74 15.19 16.21
N GLY A 40 4.83 15.10 16.97
CA GLY A 40 4.75 15.17 18.43
C GLY A 40 4.16 13.97 19.12
N ILE A 41 4.04 12.85 18.40
CA ILE A 41 3.45 11.66 18.98
C ILE A 41 4.21 11.13 20.18
N ARG A 42 3.45 10.74 21.20
CA ARG A 42 4.00 10.20 22.45
C ARG A 42 3.70 8.70 22.47
N PHE A 43 4.75 7.89 22.58
CA PHE A 43 4.56 6.45 22.59
C PHE A 43 5.74 5.75 23.21
N GLY A 44 5.54 4.46 23.49
CA GLY A 44 6.57 3.61 24.02
C GLY A 44 6.53 2.37 23.15
N LEU A 45 7.70 1.86 22.76
CA LEU A 45 7.81 0.66 21.92
C LEU A 45 8.78 -0.36 22.51
N ALA A 46 8.39 -1.63 22.50
CA ALA A 46 9.27 -2.70 22.97
C ALA A 46 9.17 -3.85 21.96
N PHE A 47 10.28 -4.55 21.76
CA PHE A 47 10.37 -5.65 20.81
C PHE A 47 11.16 -6.77 21.46
N SER A 48 10.62 -7.99 21.42
CA SER A 48 11.28 -9.12 22.06
C SER A 48 12.24 -9.87 21.16
N GLU A 49 13.53 -9.55 21.27
CA GLU A 49 14.56 -10.20 20.47
C GLU A 49 14.47 -11.68 20.85
N ALA A 50 14.42 -12.55 19.85
CA ALA A 50 14.22 -13.98 20.09
C ALA A 50 15.43 -14.89 19.89
N SER A 51 16.58 -14.30 19.65
CA SER A 51 17.79 -15.07 19.46
C SER A 51 18.95 -14.23 19.96
N GLY A 52 20.16 -14.76 19.89
CA GLY A 52 21.31 -14.02 20.37
C GLY A 52 21.18 -13.73 21.85
N LYS A 53 21.31 -12.45 22.23
CA LYS A 53 21.20 -12.05 23.63
C LYS A 53 19.76 -12.18 24.15
N ARG A 54 18.79 -12.29 23.23
CA ARG A 54 17.39 -12.42 23.61
C ARG A 54 16.92 -11.32 24.58
N LEU A 55 17.21 -10.08 24.23
CA LEU A 55 16.83 -8.95 25.06
C LEU A 55 15.61 -8.20 24.57
N VAL A 56 14.79 -7.73 25.51
CA VAL A 56 13.65 -6.92 25.15
C VAL A 56 14.31 -5.60 24.76
N ARG A 57 14.00 -5.13 23.56
CA ARG A 57 14.55 -3.89 23.03
C ARG A 57 13.50 -2.81 23.19
N ARG A 58 13.95 -1.58 23.43
CA ARG A 58 13.02 -0.47 23.69
C ARG A 58 13.41 0.84 23.02
N SER A 59 12.40 1.64 22.70
CA SER A 59 12.62 2.94 22.08
C SER A 59 11.30 3.71 22.22
N GLY A 60 11.38 5.04 22.30
CA GLY A 60 10.13 5.78 22.41
C GLY A 60 10.33 7.24 22.68
N THR A 61 9.22 7.96 22.79
CA THR A 61 9.25 9.39 23.04
C THR A 61 8.72 9.77 24.42
N ASP A 62 8.29 8.77 25.18
CA ASP A 62 7.81 8.99 26.55
C ASP A 62 8.33 7.84 27.40
N GLU A 63 9.21 8.16 28.36
CA GLU A 63 9.81 7.12 29.20
C GLU A 63 8.84 6.24 29.97
N ALA A 64 7.76 6.82 30.49
CA ALA A 64 6.79 6.02 31.23
C ALA A 64 6.13 5.00 30.30
N LEU A 65 5.82 5.42 29.09
CA LEU A 65 5.18 4.53 28.12
C LEU A 65 6.15 3.44 27.66
N VAL A 66 7.42 3.80 27.49
CA VAL A 66 8.42 2.83 27.10
C VAL A 66 8.53 1.76 28.17
N GLU A 67 8.58 2.17 29.44
CA GLU A 67 8.69 1.21 30.52
C GLU A 67 7.48 0.30 30.63
N LEU A 68 6.30 0.83 30.35
CA LEU A 68 5.09 0.03 30.40
C LEU A 68 5.14 -1.01 29.28
N ALA A 69 5.64 -0.60 28.11
CA ALA A 69 5.75 -1.51 26.97
C ALA A 69 6.70 -2.65 27.32
N VAL A 70 7.83 -2.30 27.94
CA VAL A 70 8.81 -3.31 28.34
C VAL A 70 8.25 -4.25 29.40
N LYS A 71 7.58 -3.70 30.41
CA LYS A 71 7.01 -4.53 31.48
C LYS A 71 6.07 -5.58 30.90
N ASN A 72 5.21 -5.17 29.98
CA ASN A 72 4.28 -6.09 29.37
C ASN A 72 4.97 -7.16 28.55
N LEU A 73 6.03 -6.81 27.83
CA LEU A 73 6.73 -7.81 27.04
C LEU A 73 7.46 -8.81 27.94
N LEU A 74 7.89 -8.37 29.12
CA LEU A 74 8.57 -9.30 30.03
C LEU A 74 7.55 -10.31 30.57
N ASN A 75 6.30 -9.89 30.73
CA ASN A 75 5.25 -10.78 31.19
C ASN A 75 4.80 -11.75 30.08
N LEU A 76 4.68 -11.23 28.86
CA LEU A 76 4.26 -12.06 27.73
C LEU A 76 5.34 -13.07 27.38
N ALA A 77 6.58 -12.62 27.40
CA ALA A 77 7.73 -13.46 27.12
C ALA A 77 7.58 -14.29 25.84
N CYS A 78 7.23 -13.62 24.74
CA CYS A 78 7.06 -14.31 23.46
C CYS A 78 8.05 -13.78 22.43
N GLY A 79 8.86 -14.67 21.88
CA GLY A 79 9.82 -14.25 20.89
C GLY A 79 9.21 -13.53 19.71
N HIS A 80 9.86 -12.44 19.32
CA HIS A 80 9.47 -11.58 18.19
C HIS A 80 8.18 -10.80 18.26
N VAL A 81 7.60 -10.71 19.46
CA VAL A 81 6.39 -9.92 19.60
C VAL A 81 6.82 -8.47 19.85
N PHE A 82 6.00 -7.52 19.41
CA PHE A 82 6.31 -6.12 19.68
C PHE A 82 5.05 -5.48 20.26
N LEU A 83 5.25 -4.43 21.04
CA LEU A 83 4.14 -3.72 21.67
C LEU A 83 4.38 -2.23 21.63
N ILE A 84 3.39 -1.51 21.12
CA ILE A 84 3.45 -0.05 21.07
C ILE A 84 2.36 0.44 22.03
N VAL A 85 2.74 1.31 22.96
CA VAL A 85 1.76 1.89 23.89
C VAL A 85 1.63 3.34 23.45
N LEU A 86 0.43 3.75 23.03
CA LEU A 86 0.20 5.12 22.56
C LEU A 86 -0.28 6.05 23.68
N GLY A 87 0.33 7.23 23.77
CA GLY A 87 -0.05 8.19 24.79
C GLY A 87 -1.44 8.72 24.56
N GLU A 88 -2.02 9.37 25.58
CA GLU A 88 -3.37 9.88 25.45
C GLU A 88 -3.57 10.82 24.26
N GLY A 89 -4.63 10.58 23.50
CA GLY A 89 -4.90 11.43 22.34
C GLY A 89 -4.31 10.93 21.03
N PHE A 90 -3.52 9.86 21.09
CA PHE A 90 -2.93 9.29 19.88
C PHE A 90 -3.59 7.93 19.68
N TYR A 91 -4.13 7.72 18.48
CA TYR A 91 -4.89 6.51 18.17
C TYR A 91 -4.32 5.58 17.12
N PRO A 92 -4.66 4.29 17.24
CA PRO A 92 -4.16 3.32 16.25
C PRO A 92 -4.50 3.68 14.81
N ILE A 93 -5.69 4.23 14.55
CA ILE A 93 -6.02 4.57 13.18
C ILE A 93 -5.02 5.58 12.61
N ASN A 94 -4.39 6.37 13.48
CA ASN A 94 -3.42 7.37 13.03
C ASN A 94 -2.12 6.73 12.52
N VAL A 95 -1.79 5.57 13.06
CA VAL A 95 -0.52 4.93 12.74
C VAL A 95 -0.48 3.49 12.22
N LEU A 96 -1.61 2.80 12.18
CA LEU A 96 -1.62 1.41 11.71
C LEU A 96 -1.08 1.28 10.29
N HIS A 97 -1.31 2.29 9.46
CA HIS A 97 -0.82 2.24 8.10
C HIS A 97 0.71 2.08 8.09
N ALA A 98 1.37 2.78 9.01
CA ALA A 98 2.83 2.74 9.10
C ALA A 98 3.35 1.44 9.71
N VAL A 99 2.58 0.89 10.65
CA VAL A 99 2.96 -0.37 11.29
C VAL A 99 2.82 -1.51 10.27
N LYS A 100 1.69 -1.53 9.57
CA LYS A 100 1.42 -2.57 8.57
C LYS A 100 2.48 -2.54 7.45
N ALA A 101 2.89 -1.34 7.06
CA ALA A 101 3.86 -1.18 5.97
C ALA A 101 5.32 -1.36 6.34
N CYS A 102 5.60 -1.45 7.63
CA CYS A 102 6.97 -1.64 8.09
C CYS A 102 7.48 -2.98 7.56
N PRO A 103 8.62 -2.99 6.85
CA PRO A 103 9.18 -4.23 6.31
C PRO A 103 9.46 -5.35 7.31
N GLU A 104 9.66 -5.01 8.59
CA GLU A 104 9.93 -6.02 9.59
C GLU A 104 8.66 -6.59 10.22
N VAL A 105 7.56 -5.86 10.12
CA VAL A 105 6.29 -6.30 10.70
C VAL A 105 5.64 -7.42 9.88
N VAL A 106 5.30 -8.50 10.57
CA VAL A 106 4.69 -9.67 9.96
C VAL A 106 3.18 -9.60 10.05
N ARG A 107 2.68 -9.26 11.24
CA ARG A 107 1.25 -9.13 11.46
C ARG A 107 0.98 -8.39 12.77
N ILE A 108 -0.28 -7.99 12.96
CA ILE A 108 -0.71 -7.26 14.14
C ILE A 108 -1.83 -8.08 14.79
N TYR A 109 -1.66 -8.41 16.06
CA TYR A 109 -2.66 -9.20 16.77
C TYR A 109 -3.84 -8.37 17.22
N ALA A 110 -3.54 -7.16 17.70
CA ALA A 110 -4.58 -6.27 18.20
C ALA A 110 -4.18 -4.82 18.27
N ALA A 111 -5.18 -3.96 18.18
CA ALA A 111 -5.03 -2.50 18.28
C ALA A 111 -6.29 -2.15 19.05
N THR A 112 -6.14 -1.59 20.24
CA THR A 112 -7.34 -1.33 21.02
C THR A 112 -7.10 -0.49 22.26
N ALA A 113 -8.20 0.02 22.80
CA ALA A 113 -8.18 0.81 24.03
C ALA A 113 -8.93 0.02 25.11
N ASN A 114 -9.51 -1.11 24.72
CA ASN A 114 -10.27 -1.97 25.62
C ASN A 114 -9.35 -2.83 26.49
N PRO A 115 -9.91 -3.41 27.57
CA PRO A 115 -9.11 -4.28 28.44
C PRO A 115 -8.69 -5.43 27.53
N LEU A 116 -7.44 -5.86 27.64
CA LEU A 116 -6.92 -6.88 26.75
C LEU A 116 -6.16 -7.98 27.50
N LYS A 117 -6.40 -9.24 27.12
CA LYS A 117 -5.69 -10.37 27.71
C LYS A 117 -5.19 -11.21 26.55
N VAL A 118 -3.97 -11.75 26.68
CA VAL A 118 -3.37 -12.54 25.61
C VAL A 118 -3.28 -14.02 25.95
N VAL A 119 -3.78 -14.86 25.04
CA VAL A 119 -3.73 -16.31 25.23
C VAL A 119 -2.38 -16.75 24.67
N VAL A 120 -1.58 -17.43 25.49
CA VAL A 120 -0.26 -17.89 25.05
C VAL A 120 -0.06 -19.37 25.29
N ALA A 121 0.80 -19.99 24.48
CA ALA A 121 1.14 -21.40 24.64
C ALA A 121 2.62 -21.41 24.98
N GLU A 122 3.03 -22.25 25.92
CA GLU A 122 4.42 -22.31 26.34
C GLU A 122 4.97 -23.73 26.26
N GLU A 123 6.20 -23.86 25.75
CA GLU A 123 6.88 -25.15 25.66
C GLU A 123 8.37 -24.85 25.80
N GLY A 124 8.99 -25.35 26.88
CA GLY A 124 10.39 -25.08 27.09
C GLY A 124 10.61 -23.58 27.19
N GLU A 125 11.63 -23.07 26.51
CA GLU A 125 11.91 -21.63 26.54
C GLU A 125 11.35 -20.91 25.32
N GLN A 126 10.17 -21.33 24.89
CA GLN A 126 9.49 -20.71 23.77
C GLN A 126 8.02 -20.48 24.12
N ARG A 127 7.47 -19.39 23.60
CA ARG A 127 6.06 -19.07 23.81
C ARG A 127 5.48 -18.55 22.52
N ALA A 128 4.19 -18.82 22.31
CA ALA A 128 3.49 -18.38 21.12
C ALA A 128 2.22 -17.64 21.51
N ILE A 129 1.95 -16.52 20.84
CA ILE A 129 0.73 -15.80 21.10
C ILE A 129 -0.35 -16.51 20.29
N LEU A 130 -1.37 -17.02 20.94
CA LEU A 130 -2.43 -17.72 20.22
C LEU A 130 -3.61 -16.82 19.86
N GLY A 131 -3.79 -15.75 20.62
CA GLY A 131 -4.91 -14.86 20.33
C GLY A 131 -5.10 -13.81 21.40
N VAL A 132 -6.01 -12.89 21.16
CA VAL A 132 -6.24 -11.83 22.13
C VAL A 132 -7.71 -11.69 22.48
N ASP A 134 -9.99 -9.13 23.29
CA ASP A 134 -10.06 -7.68 23.14
C ASP A 134 -11.45 -7.18 23.50
N GLY A 135 -11.59 -6.62 24.69
CA GLY A 135 -12.90 -6.14 25.06
C GLY A 135 -13.86 -7.29 25.36
N PHE A 136 -15.15 -6.98 25.32
CA PHE A 136 -16.15 -7.95 25.70
C PHE A 136 -17.11 -8.47 24.64
N THR A 137 -17.81 -9.53 25.00
CA THR A 137 -18.78 -10.18 24.13
C THR A 137 -19.97 -9.25 23.83
N PRO A 138 -20.65 -9.48 22.70
CA PRO A 138 -21.80 -8.67 22.30
C PRO A 138 -23.04 -8.88 23.16
N LEU A 139 -23.80 -7.81 23.35
CA LEU A 139 -25.01 -7.87 24.16
C LEU A 139 -26.28 -7.84 23.32
N GLY A 140 -26.12 -7.73 22.00
CA GLY A 140 -27.27 -7.70 21.14
C GLY A 140 -26.92 -7.13 19.78
N VAL A 141 -27.95 -6.80 18.99
CA VAL A 141 -27.77 -6.24 17.64
C VAL A 141 -28.37 -4.83 17.60
N GLU A 142 -27.67 -3.90 16.98
CA GLU A 142 -28.14 -2.53 16.90
C GLU A 142 -29.46 -2.36 16.16
N ASP A 143 -30.31 -1.48 16.67
CA ASP A 143 -31.59 -1.19 16.00
C ASP A 143 -31.36 0.12 15.24
N GLU A 144 -32.37 0.63 14.56
CA GLU A 144 -32.18 1.85 13.78
C GLU A 144 -31.79 3.09 14.58
N ALA A 145 -32.27 3.20 15.82
CA ALA A 145 -31.91 4.36 16.63
C ALA A 145 -30.41 4.30 16.92
N GLU A 146 -29.91 3.09 17.14
CA GLU A 146 -28.49 2.90 17.43
C GLU A 146 -27.65 3.15 16.17
N VAL A 147 -28.18 2.78 15.01
CA VAL A 147 -27.43 3.05 13.77
C VAL A 147 -27.30 4.55 13.61
N ALA A 148 -28.41 5.26 13.83
CA ALA A 148 -28.41 6.71 13.69
C ALA A 148 -27.45 7.37 14.65
N TRP A 149 -27.38 6.85 15.88
CA TRP A 149 -26.49 7.42 16.88
C TRP A 149 -25.02 7.22 16.52
N ARG A 150 -24.65 6.01 16.09
CA ARG A 150 -23.24 5.80 15.75
C ARG A 150 -22.83 6.63 14.54
N LYS A 151 -23.80 6.98 13.70
CA LYS A 151 -23.48 7.82 12.56
C LYS A 151 -23.32 9.27 13.04
N ASP A 152 -24.26 9.72 13.87
CA ASP A 152 -24.21 11.07 14.40
C ASP A 152 -22.94 11.30 15.22
N LEU A 153 -22.54 10.29 15.99
CA LEU A 153 -21.34 10.37 16.80
C LEU A 153 -20.11 10.70 15.96
N LEU A 154 -19.94 9.96 14.87
CA LEU A 154 -18.78 10.20 13.99
C LEU A 154 -18.80 11.58 13.35
N ARG A 155 -20.00 12.11 13.08
CA ARG A 155 -20.09 13.44 12.51
C ARG A 155 -19.72 14.50 13.55
N ARG A 156 -20.16 14.29 14.79
CA ARG A 156 -19.86 15.24 15.85
C ARG A 156 -18.37 15.21 16.20
N LEU A 157 -17.74 14.06 16.01
CA LEU A 157 -16.31 13.94 16.31
C LEU A 157 -15.50 14.51 15.14
N GLY A 158 -16.13 14.62 13.98
CA GLY A 158 -15.43 15.14 12.82
C GLY A 158 -14.81 14.10 11.90
N TYR A 159 -15.09 12.82 12.16
CA TYR A 159 -14.55 11.74 11.32
C TYR A 159 -15.36 11.50 10.05
N LYS A 160 -16.62 11.93 10.05
CA LYS A 160 -17.48 11.81 8.87
C LYS A 160 -18.18 13.14 8.65
N LEU A 161 -18.56 13.42 7.40
CA LEU A 161 -19.23 14.68 7.07
C LEU A 161 -20.71 14.45 6.80
N GLU B 2 -7.73 -31.60 19.40
CA GLU B 2 -6.45 -31.78 20.08
C GLU B 2 -5.46 -30.74 19.60
N LEU B 3 -4.52 -30.37 20.47
CA LEU B 3 -3.51 -29.39 20.10
C LEU B 3 -2.20 -30.13 19.84
N LYS B 4 -1.49 -29.71 18.81
CA LYS B 4 -0.22 -30.32 18.43
C LYS B 4 0.80 -29.21 18.20
N LEU B 5 2.08 -29.56 18.27
CA LEU B 5 3.17 -28.62 18.06
C LEU B 5 4.01 -29.18 16.92
N ILE B 6 4.06 -28.44 15.81
CA ILE B 6 4.78 -28.88 14.64
C ILE B 6 6.02 -28.04 14.35
N PRO B 7 7.20 -28.66 14.34
CA PRO B 7 8.41 -27.90 14.06
C PRO B 7 8.56 -27.64 12.56
N ILE B 8 9.15 -26.49 12.23
CA ILE B 8 9.39 -26.14 10.83
C ILE B 8 10.90 -26.24 10.67
N GLU B 9 11.34 -27.12 9.77
CA GLU B 9 12.76 -27.35 9.57
C GLU B 9 13.35 -26.64 8.37
N LYS B 10 14.52 -26.05 8.54
CA LYS B 10 15.22 -25.37 7.44
C LYS B 10 16.63 -25.01 7.87
N PRO B 11 17.54 -24.86 6.90
CA PRO B 11 18.93 -24.50 7.17
C PRO B 11 18.95 -23.27 8.08
N GLU B 12 19.72 -23.36 9.17
CA GLU B 12 19.85 -22.31 10.18
C GLU B 12 19.84 -20.86 9.72
N ASN B 13 20.53 -20.58 8.62
CA ASN B 13 20.65 -19.22 8.08
C ASN B 13 19.53 -18.80 7.13
N LEU B 14 18.66 -19.73 6.76
CA LEU B 14 17.58 -19.42 5.84
C LEU B 14 16.30 -18.93 6.53
N ASN B 15 15.56 -18.09 5.82
CA ASN B 15 14.31 -17.53 6.33
C ASN B 15 13.09 -18.21 5.73
N VAL B 16 12.04 -18.33 6.52
CA VAL B 16 10.80 -18.89 6.05
C VAL B 16 9.70 -17.85 6.32
N ILE B 17 8.69 -17.85 5.46
CA ILE B 17 7.53 -16.96 5.60
C ILE B 17 6.35 -17.92 5.56
N LEU B 18 5.60 -17.99 6.66
CA LEU B 18 4.45 -18.88 6.79
C LEU B 18 3.18 -18.04 6.87
N GLY B 19 2.20 -18.33 6.01
CA GLY B 19 0.98 -17.54 6.03
C GLY B 19 -0.29 -18.27 5.64
N GLN B 20 -1.35 -17.49 5.49
CA GLN B 20 -2.67 -18.01 5.12
C GLN B 20 -3.10 -17.35 3.81
N ALA B 21 -3.59 -18.14 2.87
CA ALA B 21 -4.05 -17.61 1.59
C ALA B 21 -5.33 -18.34 1.20
N HIS B 22 -5.71 -18.24 -0.07
CA HIS B 22 -6.91 -18.91 -0.59
C HIS B 22 -6.85 -18.82 -2.13
N PHE B 23 -7.62 -19.68 -2.80
CA PHE B 23 -7.69 -19.72 -4.27
C PHE B 23 -6.39 -20.25 -4.88
N ILE B 24 -6.53 -21.17 -5.83
CA ILE B 24 -5.38 -21.81 -6.46
C ILE B 24 -4.37 -20.87 -7.11
N LYS B 25 -4.82 -19.67 -7.47
CA LYS B 25 -3.94 -18.68 -8.11
C LYS B 25 -2.84 -18.20 -7.16
N THR B 26 -2.94 -18.58 -5.89
CA THR B 26 -1.94 -18.23 -4.89
C THR B 26 -0.53 -18.62 -5.34
N VAL B 27 -0.39 -19.81 -5.92
CA VAL B 27 0.92 -20.30 -6.33
C VAL B 27 1.62 -19.45 -7.40
N GLU B 28 0.99 -19.28 -8.54
CA GLU B 28 1.62 -18.47 -9.57
C GLU B 28 1.76 -17.02 -9.13
N ASP B 29 0.77 -16.47 -8.43
CA ASP B 29 0.87 -15.08 -7.99
C ASP B 29 2.03 -14.84 -7.04
N LEU B 30 2.21 -15.72 -6.06
CA LEU B 30 3.31 -15.49 -5.12
C LEU B 30 4.67 -15.70 -5.79
N HIS B 31 4.76 -16.70 -6.66
CA HIS B 31 6.01 -16.96 -7.38
C HIS B 31 6.39 -15.70 -8.17
N GLU B 32 5.41 -15.13 -8.88
CA GLU B 32 5.64 -13.93 -9.67
C GLU B 32 5.98 -12.72 -8.79
N ALA B 33 5.30 -12.60 -7.66
CA ALA B 33 5.56 -11.48 -6.76
C ALA B 33 7.00 -11.53 -6.27
N LEU B 34 7.46 -12.73 -5.94
CA LEU B 34 8.82 -12.91 -5.44
C LEU B 34 9.90 -12.59 -6.48
N VAL B 35 9.76 -13.12 -7.69
CA VAL B 35 10.76 -12.87 -8.73
C VAL B 35 10.72 -11.44 -9.24
N THR B 36 9.60 -10.77 -9.06
CA THR B 36 9.48 -9.38 -9.48
C THR B 36 10.11 -8.45 -8.43
N ALA B 37 10.09 -8.88 -7.17
CA ALA B 37 10.64 -8.09 -6.07
C ALA B 37 12.17 -8.09 -5.98
N VAL B 38 12.78 -9.26 -6.23
CA VAL B 38 14.23 -9.36 -6.13
C VAL B 38 14.81 -10.11 -7.31
N PRO B 39 15.76 -9.49 -8.01
CA PRO B 39 16.37 -10.16 -9.18
C PRO B 39 17.22 -11.37 -8.78
N GLY B 40 17.00 -12.49 -9.47
CA GLY B 40 17.73 -13.70 -9.19
C GLY B 40 17.40 -14.38 -7.86
N ILE B 41 16.27 -14.02 -7.27
CA ILE B 41 15.89 -14.61 -5.99
C ILE B 41 15.67 -16.13 -6.08
N ARG B 42 16.17 -16.85 -5.09
CA ARG B 42 16.03 -18.31 -5.02
C ARG B 42 15.09 -18.61 -3.86
N PHE B 43 14.08 -19.44 -4.12
CA PHE B 43 13.11 -19.78 -3.08
C PHE B 43 12.32 -21.03 -3.45
N GLY B 44 11.56 -21.50 -2.47
CA GLY B 44 10.68 -22.65 -2.66
C GLY B 44 9.36 -22.20 -2.06
N LEU B 45 8.26 -22.51 -2.73
CA LEU B 45 6.92 -22.13 -2.28
C LEU B 45 5.97 -23.32 -2.32
N ALA B 46 5.13 -23.44 -1.30
CA ALA B 46 4.12 -24.51 -1.28
C ALA B 46 2.84 -23.92 -0.70
N PHE B 47 1.71 -24.42 -1.19
CA PHE B 47 0.38 -23.95 -0.78
C PHE B 47 -0.53 -25.15 -0.63
N SER B 48 -1.26 -25.21 0.49
CA SER B 48 -2.14 -26.35 0.75
C SER B 48 -3.59 -26.12 0.31
N GLU B 49 -3.95 -26.67 -0.86
CA GLU B 49 -5.30 -26.56 -1.40
C GLU B 49 -6.22 -27.16 -0.34
N ALA B 50 -7.24 -26.39 0.07
CA ALA B 50 -8.13 -26.81 1.15
C ALA B 50 -9.39 -27.59 0.75
N SER B 51 -9.67 -27.64 -0.54
CA SER B 51 -10.84 -28.38 -1.03
C SER B 51 -10.52 -29.06 -2.35
N GLY B 52 -11.55 -29.53 -3.04
CA GLY B 52 -11.32 -30.21 -4.30
C GLY B 52 -10.47 -31.45 -4.05
N LYS B 53 -9.38 -31.60 -4.80
CA LYS B 53 -8.52 -32.76 -4.60
C LYS B 53 -7.61 -32.60 -3.39
N ARG B 54 -7.64 -31.41 -2.78
CA ARG B 54 -6.85 -31.14 -1.57
C ARG B 54 -5.37 -31.48 -1.74
N LEU B 55 -4.77 -31.00 -2.81
CA LEU B 55 -3.37 -31.30 -3.06
C LEU B 55 -2.43 -30.17 -2.70
N VAL B 56 -1.30 -30.51 -2.09
CA VAL B 56 -0.31 -29.49 -1.80
C VAL B 56 0.22 -29.08 -3.18
N ARG B 57 0.30 -27.78 -3.41
CA ARG B 57 0.76 -27.23 -4.68
C ARG B 57 2.12 -26.57 -4.44
N ARG B 58 3.00 -26.61 -5.43
CA ARG B 58 4.31 -25.99 -5.22
C ARG B 58 4.93 -25.41 -6.47
N SER B 59 5.89 -24.51 -6.25
CA SER B 59 6.59 -23.81 -7.32
C SER B 59 7.85 -23.18 -6.74
N GLY B 60 8.85 -22.90 -7.58
CA GLY B 60 10.04 -22.28 -7.05
C GLY B 60 11.17 -22.21 -8.04
N THR B 61 12.30 -21.66 -7.58
CA THR B 61 13.45 -21.52 -8.44
C THR B 61 14.60 -22.43 -8.02
N ASP B 62 14.40 -23.20 -6.95
CA ASP B 62 15.44 -24.10 -6.43
C ASP B 62 14.77 -25.40 -6.00
N GLU B 63 15.22 -26.52 -6.56
CA GLU B 63 14.62 -27.81 -6.25
C GLU B 63 14.68 -28.15 -4.76
N ALA B 64 15.84 -27.92 -4.14
CA ALA B 64 16.00 -28.23 -2.72
C ALA B 64 15.05 -27.41 -1.87
N LEU B 65 14.84 -26.15 -2.25
CA LEU B 65 13.95 -25.27 -1.49
C LEU B 65 12.49 -25.62 -1.68
N VAL B 66 12.12 -26.03 -2.89
CA VAL B 66 10.75 -26.42 -3.17
C VAL B 66 10.44 -27.68 -2.35
N GLU B 67 11.37 -28.64 -2.38
CA GLU B 67 11.20 -29.87 -1.64
C GLU B 67 11.01 -29.58 -0.15
N LEU B 68 11.81 -28.67 0.39
CA LEU B 68 11.74 -28.31 1.79
C LEU B 68 10.39 -27.70 2.14
N ALA B 69 9.91 -26.81 1.28
CA ALA B 69 8.62 -26.15 1.47
C ALA B 69 7.48 -27.17 1.49
N VAL B 70 7.53 -28.12 0.55
CA VAL B 70 6.48 -29.14 0.48
C VAL B 70 6.51 -30.07 1.69
N LYS B 71 7.70 -30.53 2.07
CA LYS B 71 7.82 -31.43 3.20
C LYS B 71 7.30 -30.78 4.48
N ASN B 72 7.66 -29.53 4.69
CA ASN B 72 7.18 -28.83 5.88
C ASN B 72 5.66 -28.66 5.87
N LEU B 73 5.12 -28.27 4.72
CA LEU B 73 3.68 -28.09 4.61
C LEU B 73 2.91 -29.40 4.79
N LEU B 74 3.48 -30.51 4.34
CA LEU B 74 2.81 -31.80 4.51
C LEU B 74 2.71 -32.12 6.00
N ASN B 75 3.74 -31.74 6.77
CA ASN B 75 3.72 -31.99 8.21
C ASN B 75 2.70 -31.10 8.91
N LEU B 76 2.58 -29.87 8.43
CA LEU B 76 1.63 -28.94 9.03
C LEU B 76 0.20 -29.40 8.75
N ALA B 77 -0.05 -29.83 7.52
CA ALA B 77 -1.35 -30.33 7.09
C ALA B 77 -2.51 -29.42 7.50
N CYS B 78 -2.46 -28.17 7.07
CA CYS B 78 -3.48 -27.18 7.38
C CYS B 78 -4.02 -26.56 6.09
N GLY B 79 -5.33 -26.66 5.88
CA GLY B 79 -5.89 -26.08 4.68
C GLY B 79 -5.60 -24.59 4.51
N HIS B 80 -5.23 -24.22 3.28
CA HIS B 80 -4.94 -22.83 2.87
C HIS B 80 -3.68 -22.17 3.43
N VAL B 81 -2.83 -22.93 4.08
CA VAL B 81 -1.59 -22.38 4.59
C VAL B 81 -0.57 -22.40 3.44
N PHE B 82 0.34 -21.42 3.43
CA PHE B 82 1.39 -21.39 2.43
C PHE B 82 2.70 -21.17 3.16
N LEU B 83 3.78 -21.66 2.55
CA LEU B 83 5.10 -21.53 3.14
C LEU B 83 6.10 -21.21 2.05
N ILE B 84 6.91 -20.19 2.30
CA ILE B 84 7.96 -19.78 1.38
C ILE B 84 9.27 -19.98 2.11
N VAL B 85 10.25 -20.62 1.48
CA VAL B 85 11.57 -20.78 2.08
C VAL B 85 12.49 -19.97 1.17
N LEU B 86 13.18 -18.99 1.75
CA LEU B 86 14.07 -18.12 1.00
C LEU B 86 15.50 -18.62 1.04
N GLY B 87 16.16 -18.56 -0.13
CA GLY B 87 17.53 -19.00 -0.22
C GLY B 87 18.48 -18.08 0.53
N GLU B 88 19.72 -18.54 0.71
CA GLU B 88 20.72 -17.76 1.43
C GLU B 88 20.91 -16.38 0.83
N GLY B 89 20.87 -15.36 1.67
CA GLY B 89 21.07 -14.00 1.19
C GLY B 89 19.81 -13.25 0.78
N PHE B 90 18.66 -13.92 0.87
CA PHE B 90 17.38 -13.31 0.50
C PHE B 90 16.55 -13.26 1.77
N TYR B 91 16.04 -12.06 2.07
CA TYR B 91 15.34 -11.84 3.33
C TYR B 91 13.88 -11.41 3.28
N PRO B 92 13.13 -11.69 4.36
CA PRO B 92 11.71 -11.32 4.41
C PRO B 92 11.53 -9.80 4.21
N ILE B 93 12.43 -8.97 4.73
CA ILE B 93 12.25 -7.53 4.54
C ILE B 93 12.27 -7.15 3.05
N ASN B 94 12.92 -7.97 2.22
CA ASN B 94 13.01 -7.71 0.78
C ASN B 94 11.70 -8.02 0.08
N VAL B 95 10.95 -9.01 0.59
CA VAL B 95 9.73 -9.44 -0.07
C VAL B 95 8.40 -9.39 0.66
N LEU B 96 8.39 -9.10 1.96
CA LEU B 96 7.12 -9.08 2.67
C LEU B 96 6.10 -8.15 2.03
N HIS B 97 6.57 -7.05 1.45
CA HIS B 97 5.64 -6.11 0.82
C HIS B 97 4.82 -6.80 -0.25
N ALA B 98 5.48 -7.65 -1.04
CA ALA B 98 4.83 -8.35 -2.15
C ALA B 98 3.94 -9.49 -1.67
N VAL B 99 4.31 -10.14 -0.57
CA VAL B 99 3.50 -11.21 0.01
C VAL B 99 2.23 -10.56 0.60
N LYS B 100 2.41 -9.47 1.34
CA LYS B 100 1.27 -8.75 1.94
C LYS B 100 0.28 -8.25 0.90
N ALA B 101 0.80 -7.74 -0.21
CA ALA B 101 -0.02 -7.17 -1.28
C ALA B 101 -0.65 -8.19 -2.21
N CYS B 102 -0.23 -9.45 -2.13
CA CYS B 102 -0.79 -10.48 -2.99
C CYS B 102 -2.29 -10.61 -2.70
N PRO B 103 -3.13 -10.50 -3.75
CA PRO B 103 -4.60 -10.60 -3.58
C PRO B 103 -5.12 -11.87 -2.93
N GLU B 104 -4.34 -12.95 -3.01
CA GLU B 104 -4.77 -14.22 -2.40
C GLU B 104 -4.34 -14.36 -0.96
N VAL B 105 -3.34 -13.58 -0.55
CA VAL B 105 -2.84 -13.65 0.81
C VAL B 105 -3.75 -12.98 1.81
N VAL B 106 -4.09 -13.71 2.86
CA VAL B 106 -4.98 -13.22 3.90
C VAL B 106 -4.18 -12.64 5.08
N ARG B 107 -3.16 -13.38 5.49
CA ARG B 107 -2.29 -12.93 6.58
C ARG B 107 -1.00 -13.73 6.61
N ILE B 108 -0.04 -13.25 7.40
CA ILE B 108 1.25 -13.92 7.54
C ILE B 108 1.48 -14.24 9.03
N TYR B 109 1.68 -15.52 9.33
CA TYR B 109 1.89 -15.99 10.70
C TYR B 109 3.29 -15.71 11.24
N ALA B 110 4.28 -15.86 10.37
CA ALA B 110 5.66 -15.65 10.77
C ALA B 110 6.59 -15.43 9.58
N ALA B 111 7.69 -14.74 9.85
CA ALA B 111 8.73 -14.46 8.86
C ALA B 111 9.96 -14.49 9.75
N THR B 112 10.78 -15.52 9.63
CA THR B 112 11.90 -15.61 10.55
C THR B 112 13.00 -16.60 10.14
N ALA B 113 14.17 -16.46 10.75
CA ALA B 113 15.28 -17.37 10.51
C ALA B 113 15.50 -18.18 11.79
N ASN B 114 14.71 -17.90 12.82
CA ASN B 114 14.81 -18.58 14.11
C ASN B 114 14.16 -19.95 14.13
N PRO B 115 14.50 -20.76 15.16
CA PRO B 115 13.90 -22.08 15.28
C PRO B 115 12.40 -21.77 15.38
N LEU B 116 11.59 -22.50 14.62
CA LEU B 116 10.15 -22.23 14.58
C LEU B 116 9.26 -23.45 14.82
N LYS B 117 8.30 -23.31 15.72
CA LYS B 117 7.33 -24.39 15.98
C LYS B 117 5.93 -23.79 15.82
N VAL B 118 5.03 -24.53 15.22
CA VAL B 118 3.67 -24.06 14.98
C VAL B 118 2.65 -24.79 15.85
N VAL B 119 1.83 -24.01 16.55
CA VAL B 119 0.79 -24.59 17.39
C VAL B 119 -0.44 -24.77 16.50
N VAL B 120 -0.94 -25.99 16.42
CA VAL B 120 -2.11 -26.27 15.60
C VAL B 120 -3.19 -26.98 16.42
N ALA B 121 -4.45 -26.78 16.00
CA ALA B 121 -5.59 -27.45 16.63
C ALA B 121 -6.09 -28.40 15.53
N GLU B 122 -6.46 -29.61 15.92
CA GLU B 122 -6.94 -30.59 14.96
C GLU B 122 -8.30 -31.15 15.35
N GLU B 123 -9.19 -31.29 14.38
CA GLU B 123 -10.51 -31.85 14.60
C GLU B 123 -10.96 -32.49 13.30
N GLY B 124 -11.08 -33.82 13.29
CA GLY B 124 -11.47 -34.51 12.08
C GLY B 124 -10.40 -34.31 11.02
N GLU B 125 -10.80 -33.97 9.81
CA GLU B 125 -9.84 -33.75 8.74
C GLU B 125 -9.61 -32.27 8.50
N GLN B 126 -9.56 -31.53 9.61
CA GLN B 126 -9.31 -30.09 9.58
C GLN B 126 -8.29 -29.72 10.63
N ARG B 127 -7.43 -28.78 10.30
CA ARG B 127 -6.43 -28.28 11.23
C ARG B 127 -6.39 -26.76 11.13
N ALA B 128 -6.04 -26.10 12.23
CA ALA B 128 -5.97 -24.64 12.25
C ALA B 128 -4.67 -24.22 12.89
N ILE B 129 -4.03 -23.21 12.29
CA ILE B 129 -2.81 -22.70 12.86
C ILE B 129 -3.25 -21.72 13.95
N LEU B 130 -2.87 -21.99 15.20
CA LEU B 130 -3.24 -21.12 16.31
C LEU B 130 -2.15 -20.10 16.65
N GLY B 131 -0.91 -20.41 16.29
CA GLY B 131 0.16 -19.48 16.59
C GLY B 131 1.54 -20.05 16.35
N VAL B 132 2.55 -19.21 16.50
CA VAL B 132 3.91 -19.65 16.27
C VAL B 132 4.88 -19.38 17.40
N ASP B 134 8.27 -18.52 17.77
CA ASP B 134 9.33 -17.97 16.95
C ASP B 134 10.51 -17.62 17.82
N GLY B 135 11.52 -18.47 17.83
CA GLY B 135 12.67 -18.17 18.67
C GLY B 135 12.33 -18.36 20.13
N PHE B 136 13.13 -17.73 20.99
CA PHE B 136 12.99 -17.92 22.44
C PHE B 136 12.55 -16.75 23.30
N THR B 137 12.24 -17.07 24.56
CA THR B 137 11.79 -16.08 25.54
C THR B 137 12.90 -15.09 25.87
N PRO B 138 12.51 -13.88 26.30
CA PRO B 138 13.52 -12.87 26.64
C PRO B 138 14.26 -13.18 27.93
N LEU B 139 15.53 -12.79 27.97
CA LEU B 139 16.37 -13.03 29.15
C LEU B 139 16.62 -11.77 29.94
N GLY B 140 16.12 -10.64 29.45
CA GLY B 140 16.32 -9.36 30.13
C GLY B 140 15.98 -8.21 29.22
N VAL B 141 16.34 -7.00 29.64
CA VAL B 141 16.07 -5.78 28.88
C VAL B 141 17.39 -5.11 28.54
N GLU B 142 17.53 -4.63 27.30
CA GLU B 142 18.77 -3.97 26.89
C GLU B 142 19.08 -2.73 27.70
N ASP B 143 20.36 -2.52 27.97
CA ASP B 143 20.81 -1.30 28.64
C ASP B 143 21.34 -0.42 27.52
N GLU B 144 21.86 0.76 27.84
CA GLU B 144 22.32 1.65 26.78
C GLU B 144 23.49 1.13 25.95
N ALA B 145 24.37 0.33 26.55
CA ALA B 145 25.49 -0.22 25.80
C ALA B 145 24.93 -1.13 24.71
N GLU B 146 23.88 -1.88 25.04
CA GLU B 146 23.26 -2.78 24.07
C GLU B 146 22.53 -2.00 22.99
N VAL B 147 22.02 -0.83 23.36
CA VAL B 147 21.33 0.02 22.40
C VAL B 147 22.38 0.48 21.40
N ALA B 148 23.53 0.91 21.91
CA ALA B 148 24.61 1.38 21.07
C ALA B 148 25.08 0.26 20.15
N TRP B 149 25.10 -0.96 20.68
CA TRP B 149 25.51 -2.13 19.91
C TRP B 149 24.57 -2.39 18.72
N ARG B 150 23.25 -2.44 18.97
CA ARG B 150 22.33 -2.69 17.85
C ARG B 150 22.32 -1.55 16.85
N LYS B 151 22.60 -0.33 17.30
CA LYS B 151 22.64 0.78 16.37
C LYS B 151 23.89 0.63 15.49
N ASP B 152 25.02 0.33 16.12
CA ASP B 152 26.27 0.15 15.38
C ASP B 152 26.12 -0.96 14.34
N LEU B 153 25.50 -2.07 14.75
CA LEU B 153 25.28 -3.21 13.87
C LEU B 153 24.59 -2.83 12.58
N LEU B 154 23.51 -2.07 12.68
CA LEU B 154 22.79 -1.66 11.49
C LEU B 154 23.60 -0.74 10.59
N ARG B 155 24.47 0.08 11.19
CA ARG B 155 25.31 0.96 10.38
C ARG B 155 26.39 0.13 9.68
N ARG B 156 26.89 -0.89 10.38
CA ARG B 156 27.92 -1.76 9.79
C ARG B 156 27.33 -2.58 8.65
N LEU B 157 26.07 -2.98 8.78
CA LEU B 157 25.40 -3.77 7.76
C LEU B 157 24.96 -2.90 6.58
N GLY B 158 24.95 -1.59 6.81
CA GLY B 158 24.54 -0.66 5.76
C GLY B 158 23.06 -0.38 5.70
N TYR B 159 22.33 -0.77 6.74
CA TYR B 159 20.88 -0.53 6.78
C TYR B 159 20.50 0.85 7.28
N LYS B 160 21.41 1.46 8.04
CA LYS B 160 21.20 2.81 8.58
C LYS B 160 22.48 3.60 8.31
N LEU B 161 22.34 4.91 8.20
CA LEU B 161 23.47 5.78 7.92
C LEU B 161 23.87 6.58 9.15
N GLU C 2 -11.74 -21.78 28.72
CA GLU C 2 -12.09 -22.97 27.99
C GLU C 2 -12.03 -22.71 26.49
N LEU C 3 -11.74 -23.77 25.74
CA LEU C 3 -11.64 -23.67 24.29
C LEU C 3 -12.91 -24.24 23.66
N LYS C 4 -13.37 -23.60 22.59
CA LYS C 4 -14.57 -24.03 21.89
C LYS C 4 -14.32 -24.00 20.39
N LEU C 5 -15.12 -24.74 19.64
CA LEU C 5 -15.00 -24.78 18.19
C LEU C 5 -16.33 -24.33 17.63
N ILE C 6 -16.35 -23.17 16.97
CA ILE C 6 -17.56 -22.58 16.43
C ILE C 6 -17.62 -22.65 14.91
N PRO C 7 -18.58 -23.39 14.35
CA PRO C 7 -18.68 -23.48 12.89
C PRO C 7 -19.30 -22.21 12.34
N ILE C 8 -18.87 -21.83 11.14
CA ILE C 8 -19.41 -20.64 10.49
C ILE C 8 -20.49 -21.08 9.51
N GLU C 9 -21.68 -20.48 9.61
CA GLU C 9 -22.79 -20.79 8.70
C GLU C 9 -22.56 -20.04 7.39
N LYS C 10 -22.37 -20.77 6.31
CA LYS C 10 -22.09 -20.14 5.02
C LYS C 10 -22.51 -21.01 3.83
N PRO C 11 -23.57 -20.63 3.11
CA PRO C 11 -23.98 -21.44 1.96
C PRO C 11 -22.75 -21.65 1.07
N GLU C 12 -22.70 -22.81 0.43
CA GLU C 12 -21.59 -23.20 -0.44
C GLU C 12 -21.20 -22.21 -1.55
N ASN C 13 -22.16 -21.46 -2.07
CA ASN C 13 -21.89 -20.53 -3.16
C ASN C 13 -21.41 -19.14 -2.70
N LEU C 14 -21.15 -18.99 -1.41
CA LEU C 14 -20.72 -17.70 -0.88
C LEU C 14 -19.30 -17.72 -0.33
N ASN C 15 -18.68 -16.55 -0.27
CA ASN C 15 -17.34 -16.40 0.28
C ASN C 15 -17.45 -15.53 1.52
N VAL C 16 -16.54 -15.73 2.48
CA VAL C 16 -16.54 -14.91 3.69
C VAL C 16 -15.14 -14.38 3.96
N ILE C 17 -15.08 -13.27 4.69
CA ILE C 17 -13.81 -12.69 5.10
C ILE C 17 -14.04 -12.40 6.58
N LEU C 18 -13.27 -13.06 7.44
CA LEU C 18 -13.37 -12.91 8.89
C LEU C 18 -12.10 -12.23 9.37
N GLY C 19 -12.26 -11.17 10.15
CA GLY C 19 -11.08 -10.45 10.61
C GLY C 19 -11.24 -9.76 11.96
N GLN C 20 -10.22 -8.99 12.32
CA GLN C 20 -10.21 -8.27 13.59
C GLN C 20 -10.06 -6.77 13.27
N ALA C 21 -10.85 -5.93 13.94
CA ALA C 21 -10.75 -4.48 13.73
C ALA C 21 -10.84 -3.79 15.08
N HIS C 22 -11.24 -2.52 15.09
CA HIS C 22 -11.41 -1.76 16.32
C HIS C 22 -12.01 -0.41 15.95
N PHE C 23 -12.67 0.23 16.93
CA PHE C 23 -13.30 1.54 16.77
C PHE C 23 -14.57 1.45 15.94
N ILE C 24 -15.60 2.16 16.37
CA ILE C 24 -16.90 2.10 15.70
C ILE C 24 -16.88 2.51 14.22
N LYS C 25 -15.89 3.30 13.82
CA LYS C 25 -15.82 3.74 12.41
C LYS C 25 -15.56 2.57 11.45
N THR C 26 -15.26 1.40 12.01
CA THR C 26 -15.03 0.19 11.22
C THR C 26 -16.20 -0.10 10.28
N VAL C 27 -17.41 0.05 10.78
CA VAL C 27 -18.60 -0.27 9.99
C VAL C 27 -18.74 0.58 8.73
N GLU C 28 -18.77 1.90 8.87
CA GLU C 28 -18.90 2.75 7.69
C GLU C 28 -17.68 2.62 6.79
N ASP C 29 -16.50 2.60 7.38
CA ASP C 29 -15.28 2.49 6.56
C ASP C 29 -15.23 1.21 5.71
N LEU C 30 -15.55 0.06 6.31
CA LEU C 30 -15.50 -1.18 5.51
C LEU C 30 -16.61 -1.22 4.45
N HIS C 31 -17.80 -0.74 4.79
CA HIS C 31 -18.88 -0.73 3.82
C HIS C 31 -18.45 0.13 2.63
N GLU C 32 -17.92 1.31 2.93
CA GLU C 32 -17.46 2.21 1.87
C GLU C 32 -16.33 1.63 1.04
N ALA C 33 -15.40 0.94 1.70
CA ALA C 33 -14.27 0.33 1.00
C ALA C 33 -14.77 -0.72 0.01
N LEU C 34 -15.75 -1.50 0.42
CA LEU C 34 -16.29 -2.55 -0.44
C LEU C 34 -17.02 -1.98 -1.67
N VAL C 35 -17.89 -1.00 -1.48
CA VAL C 35 -18.63 -0.43 -2.62
C VAL C 35 -17.76 0.40 -3.55
N THR C 36 -16.64 0.90 -3.04
CA THR C 36 -15.71 1.68 -3.85
C THR C 36 -14.86 0.70 -4.69
N ALA C 37 -14.61 -0.49 -4.13
CA ALA C 37 -13.79 -1.51 -4.80
C ALA C 37 -14.47 -2.21 -5.99
N VAL C 38 -15.75 -2.54 -5.82
CA VAL C 38 -16.50 -3.28 -6.85
C VAL C 38 -17.89 -2.68 -7.09
N PRO C 39 -18.20 -2.36 -8.36
CA PRO C 39 -19.51 -1.78 -8.65
C PRO C 39 -20.64 -2.80 -8.50
N GLY C 40 -21.69 -2.40 -7.80
CA GLY C 40 -22.85 -3.28 -7.60
C GLY C 40 -22.61 -4.46 -6.68
N ILE C 41 -21.51 -4.42 -5.93
CA ILE C 41 -21.19 -5.52 -5.04
C ILE C 41 -22.32 -5.78 -4.03
N ARG C 42 -22.61 -7.07 -3.82
CA ARG C 42 -23.64 -7.51 -2.88
C ARG C 42 -22.93 -8.16 -1.70
N PHE C 43 -23.18 -7.66 -0.50
CA PHE C 43 -22.52 -8.19 0.69
C PHE C 43 -23.26 -7.84 1.96
N GLY C 44 -22.84 -8.49 3.03
CA GLY C 44 -23.38 -8.22 4.35
C GLY C 44 -22.15 -8.05 5.23
N LEU C 45 -22.19 -7.07 6.13
CA LEU C 45 -21.09 -6.82 7.03
C LEU C 45 -21.57 -6.71 8.48
N ALA C 46 -20.84 -7.35 9.40
CA ALA C 46 -21.16 -7.27 10.82
C ALA C 46 -19.87 -7.01 11.58
N PHE C 47 -19.97 -6.24 12.66
CA PHE C 47 -18.80 -5.91 13.48
C PHE C 47 -19.20 -6.03 14.94
N SER C 48 -18.43 -6.79 15.72
CA SER C 48 -18.75 -6.97 17.14
C SER C 48 -18.11 -5.87 18.02
N GLU C 49 -18.87 -4.83 18.32
CA GLU C 49 -18.39 -3.73 19.16
C GLU C 49 -18.06 -4.37 20.51
N ALA C 50 -16.89 -4.08 21.05
CA ALA C 50 -16.43 -4.71 22.30
C ALA C 50 -16.37 -3.79 23.51
N SER C 51 -16.96 -2.60 23.37
CA SER C 51 -16.97 -1.61 24.44
C SER C 51 -18.27 -0.83 24.29
N GLY C 52 -18.47 0.14 25.18
CA GLY C 52 -19.68 0.94 25.10
C GLY C 52 -20.93 0.09 25.15
N LYS C 53 -21.78 0.22 24.12
CA LYS C 53 -23.02 -0.56 24.03
C LYS C 53 -22.81 -2.05 23.73
N ARG C 54 -21.62 -2.41 23.28
CA ARG C 54 -21.30 -3.81 22.97
C ARG C 54 -22.28 -4.46 22.00
N LEU C 55 -22.68 -3.72 20.98
CA LEU C 55 -23.62 -4.21 20.00
C LEU C 55 -22.97 -4.73 18.72
N VAL C 56 -23.58 -5.76 18.13
CA VAL C 56 -23.11 -6.25 16.85
C VAL C 56 -23.68 -5.18 15.93
N ARG C 57 -22.81 -4.55 15.16
CA ARG C 57 -23.20 -3.51 14.22
C ARG C 57 -23.37 -4.18 12.86
N ARG C 58 -24.28 -3.65 12.04
CA ARG C 58 -24.56 -4.25 10.75
C ARG C 58 -24.71 -3.23 9.64
N SER C 59 -24.26 -3.60 8.43
CA SER C 59 -24.36 -2.71 7.28
C SER C 59 -24.20 -3.58 6.03
N GLY C 60 -24.82 -3.20 4.93
CA GLY C 60 -24.68 -4.01 3.73
C GLY C 60 -25.59 -3.60 2.60
N THR C 61 -25.53 -4.37 1.51
CA THR C 61 -26.32 -4.07 0.32
C THR C 61 -27.31 -5.18 0.03
N ASP C 62 -27.41 -6.15 0.93
CA ASP C 62 -28.33 -7.27 0.79
C ASP C 62 -28.74 -7.73 2.19
N GLU C 63 -30.02 -7.59 2.51
CA GLU C 63 -30.53 -7.96 3.83
C GLU C 63 -30.25 -9.38 4.31
N ALA C 64 -30.37 -10.37 3.44
CA ALA C 64 -30.11 -11.76 3.85
C ALA C 64 -28.63 -11.93 4.17
N LEU C 65 -27.76 -11.33 3.37
CA LEU C 65 -26.33 -11.46 3.62
C LEU C 65 -25.96 -10.77 4.94
N VAL C 66 -26.59 -9.64 5.22
CA VAL C 66 -26.32 -8.91 6.47
C VAL C 66 -26.77 -9.78 7.64
N GLU C 67 -27.95 -10.35 7.52
CA GLU C 67 -28.46 -11.18 8.60
C GLU C 67 -27.57 -12.41 8.84
N LEU C 68 -26.98 -12.95 7.79
CA LEU C 68 -26.10 -14.10 7.92
C LEU C 68 -24.82 -13.69 8.64
N ALA C 69 -24.31 -12.50 8.33
CA ALA C 69 -23.10 -12.02 9.00
C ALA C 69 -23.37 -11.80 10.48
N VAL C 70 -24.50 -11.17 10.79
CA VAL C 70 -24.87 -10.90 12.18
C VAL C 70 -25.08 -12.18 12.99
N LYS C 71 -25.79 -13.13 12.41
CA LYS C 71 -26.04 -14.40 13.08
C LYS C 71 -24.72 -15.05 13.46
N ASN C 72 -23.80 -15.10 12.51
CA ASN C 72 -22.51 -15.71 12.78
C ASN C 72 -21.72 -15.01 13.89
N LEU C 73 -21.76 -13.69 13.92
CA LEU C 73 -21.03 -12.96 14.96
C LEU C 73 -21.68 -13.13 16.33
N LEU C 74 -22.98 -13.38 16.38
CA LEU C 74 -23.63 -13.60 17.69
C LEU C 74 -23.15 -14.96 18.23
N ASN C 75 -22.91 -15.90 17.32
CA ASN C 75 -22.45 -17.23 17.70
C ASN C 75 -20.99 -17.16 18.15
N LEU C 76 -20.17 -16.44 17.39
CA LEU C 76 -18.75 -16.31 17.73
C LEU C 76 -18.55 -15.54 19.02
N ALA C 77 -19.29 -14.45 19.16
CA ALA C 77 -19.23 -13.61 20.36
C ALA C 77 -17.82 -13.23 20.80
N CYS C 78 -17.04 -12.68 19.87
CA CYS C 78 -15.67 -12.27 20.16
C CYS C 78 -15.54 -10.76 19.95
N GLY C 79 -15.09 -10.04 20.98
CA GLY C 79 -14.94 -8.60 20.84
C GLY C 79 -14.05 -8.19 19.68
N HIS C 80 -14.49 -7.16 18.94
CA HIS C 80 -13.78 -6.57 17.80
C HIS C 80 -13.61 -7.39 16.53
N VAL C 81 -14.29 -8.52 16.42
CA VAL C 81 -14.20 -9.33 15.21
C VAL C 81 -15.18 -8.77 14.19
N PHE C 82 -14.87 -8.88 12.90
CA PHE C 82 -15.81 -8.46 11.86
C PHE C 82 -15.94 -9.59 10.86
N LEU C 83 -17.07 -9.62 10.16
CA LEU C 83 -17.32 -10.65 9.19
C LEU C 83 -18.03 -10.06 7.99
N ILE C 84 -17.50 -10.35 6.80
CA ILE C 84 -18.08 -9.89 5.55
C ILE C 84 -18.53 -11.15 4.82
N VAL C 85 -19.80 -11.15 4.39
CA VAL C 85 -20.33 -12.28 3.64
C VAL C 85 -20.54 -11.73 2.23
N LEU C 86 -19.87 -12.31 1.26
CA LEU C 86 -19.96 -11.84 -0.13
C LEU C 86 -20.97 -12.64 -0.92
N GLY C 87 -21.80 -11.92 -1.68
CA GLY C 87 -22.80 -12.57 -2.50
C GLY C 87 -22.18 -13.36 -3.63
N GLU C 88 -22.96 -14.25 -4.21
CA GLU C 88 -22.46 -15.08 -5.31
C GLU C 88 -21.82 -14.24 -6.41
N GLY C 89 -20.64 -14.67 -6.87
CA GLY C 89 -19.97 -13.95 -7.93
C GLY C 89 -19.01 -12.85 -7.51
N PHE C 90 -18.96 -12.56 -6.21
CA PHE C 90 -18.04 -11.54 -5.69
C PHE C 90 -17.04 -12.30 -4.84
N TYR C 91 -15.75 -12.04 -5.10
CA TYR C 91 -14.68 -12.78 -4.44
C TYR C 91 -13.72 -12.00 -3.56
N PRO C 92 -13.12 -12.68 -2.57
CA PRO C 92 -12.17 -12.00 -1.68
C PRO C 92 -11.01 -11.34 -2.46
N ILE C 93 -10.55 -11.94 -3.55
CA ILE C 93 -9.43 -11.32 -4.27
C ILE C 93 -9.81 -9.96 -4.82
N ASN C 94 -11.12 -9.74 -5.02
CA ASN C 94 -11.62 -8.46 -5.55
C ASN C 94 -11.57 -7.36 -4.49
N VAL C 95 -11.71 -7.74 -3.23
CA VAL C 95 -11.78 -6.77 -2.16
C VAL C 95 -10.78 -6.82 -1.01
N LEU C 96 -9.95 -7.87 -0.93
CA LEU C 96 -9.00 -7.93 0.18
C LEU C 96 -8.10 -6.71 0.29
N HIS C 97 -7.75 -6.11 -0.84
CA HIS C 97 -6.89 -4.94 -0.83
C HIS C 97 -7.51 -3.83 0.02
N ALA C 98 -8.83 -3.65 -0.14
CA ALA C 98 -9.59 -2.63 0.57
C ALA C 98 -9.76 -2.94 2.05
N VAL C 99 -9.88 -4.23 2.36
CA VAL C 99 -10.03 -4.63 3.76
C VAL C 99 -8.69 -4.42 4.49
N LYS C 100 -7.61 -4.83 3.84
CA LYS C 100 -6.27 -4.67 4.41
C LYS C 100 -5.92 -3.21 4.65
N ALA C 101 -6.36 -2.35 3.73
CA ALA C 101 -6.07 -0.94 3.79
C ALA C 101 -6.92 -0.13 4.76
N CYS C 102 -8.04 -0.70 5.18
CA CYS C 102 -8.94 -0.02 6.11
C CYS C 102 -8.19 0.35 7.39
N PRO C 103 -8.17 1.64 7.76
CA PRO C 103 -7.46 2.05 8.98
C PRO C 103 -7.89 1.38 10.28
N GLU C 104 -9.12 0.87 10.34
CA GLU C 104 -9.58 0.20 11.55
C GLU C 104 -9.24 -1.28 11.58
N VAL C 105 -8.91 -1.84 10.41
CA VAL C 105 -8.60 -3.26 10.32
C VAL C 105 -7.20 -3.57 10.83
N VAL C 106 -7.12 -4.52 11.76
CA VAL C 106 -5.88 -4.95 12.38
C VAL C 106 -5.31 -6.16 11.66
N ARG C 107 -6.18 -7.13 11.39
CA ARG C 107 -5.77 -8.34 10.69
C ARG C 107 -6.96 -9.10 10.15
N ILE C 108 -6.68 -10.05 9.25
CA ILE C 108 -7.70 -10.88 8.64
C ILE C 108 -7.37 -12.33 8.97
N TYR C 109 -8.33 -13.04 9.56
CA TYR C 109 -8.14 -14.44 9.96
C TYR C 109 -8.27 -15.40 8.80
N ALA C 110 -9.28 -15.17 7.96
CA ALA C 110 -9.53 -16.06 6.84
C ALA C 110 -10.37 -15.41 5.75
N ALA C 111 -10.20 -15.90 4.53
CA ALA C 111 -10.97 -15.42 3.37
C ALA C 111 -11.17 -16.74 2.64
N THR C 112 -12.42 -17.18 2.47
CA THR C 112 -12.61 -18.48 1.85
C THR C 112 -14.02 -18.79 1.42
N ALA C 113 -14.14 -19.81 0.58
CA ALA C 113 -15.42 -20.29 0.08
C ALA C 113 -15.64 -21.72 0.60
N ASN C 114 -14.69 -22.22 1.38
CA ASN C 114 -14.75 -23.58 1.94
C ASN C 114 -15.36 -23.60 3.33
N PRO C 115 -15.70 -24.80 3.85
CA PRO C 115 -16.27 -24.92 5.18
C PRO C 115 -15.27 -24.38 6.18
N LEU C 116 -15.76 -23.57 7.11
CA LEU C 116 -14.91 -22.91 8.09
C LEU C 116 -15.38 -23.08 9.53
N LYS C 117 -14.44 -23.31 10.44
CA LYS C 117 -14.73 -23.42 11.86
C LYS C 117 -13.73 -22.53 12.58
N VAL C 118 -14.15 -21.93 13.69
CA VAL C 118 -13.28 -21.04 14.44
C VAL C 118 -12.95 -21.57 15.83
N VAL C 119 -11.66 -21.61 16.14
CA VAL C 119 -11.23 -22.06 17.47
C VAL C 119 -11.24 -20.81 18.34
N VAL C 120 -11.95 -20.86 19.45
CA VAL C 120 -12.02 -19.70 20.34
C VAL C 120 -11.69 -20.07 21.77
N ALA C 121 -11.20 -19.08 22.53
CA ALA C 121 -10.89 -19.26 23.95
C ALA C 121 -11.86 -18.34 24.67
N GLU C 122 -12.41 -18.82 25.77
CA GLU C 122 -13.36 -18.03 26.54
C GLU C 122 -12.98 -17.93 28.01
N GLU C 123 -13.09 -16.72 28.55
CA GLU C 123 -12.80 -16.46 29.96
C GLU C 123 -13.69 -15.31 30.39
N GLY C 124 -14.62 -15.55 31.31
CA GLY C 124 -15.50 -14.47 31.75
C GLY C 124 -16.35 -13.96 30.61
N GLU C 125 -16.41 -12.64 30.46
CA GLU C 125 -17.21 -12.03 29.41
C GLU C 125 -16.35 -11.65 28.21
N GLN C 126 -15.28 -12.40 27.98
CA GLN C 126 -14.39 -12.15 26.85
C GLN C 126 -14.13 -13.44 26.09
N ARG C 127 -13.88 -13.31 24.80
CA ARG C 127 -13.53 -14.46 23.96
C ARG C 127 -12.45 -13.99 23.00
N ALA C 128 -11.57 -14.91 22.63
CA ALA C 128 -10.51 -14.59 21.68
C ALA C 128 -10.54 -15.60 20.54
N ILE C 129 -10.30 -15.13 19.31
CA ILE C 129 -10.22 -16.05 18.18
C ILE C 129 -8.79 -16.55 18.18
N LEU C 130 -8.61 -17.88 18.25
CA LEU C 130 -7.26 -18.45 18.26
C LEU C 130 -6.82 -18.90 16.87
N GLY C 131 -7.78 -19.26 16.02
CA GLY C 131 -7.40 -19.70 14.69
C GLY C 131 -8.61 -20.15 13.91
N VAL C 132 -8.40 -20.47 12.64
CA VAL C 132 -9.52 -20.91 11.82
C VAL C 132 -9.21 -22.21 11.11
N ASP C 134 -9.85 -23.76 8.10
CA ASP C 134 -10.30 -23.38 6.77
C ASP C 134 -10.13 -24.55 5.81
N GLY C 135 -11.23 -25.20 5.49
CA GLY C 135 -11.09 -26.31 4.59
C GLY C 135 -10.42 -27.49 5.27
N PHE C 136 -9.90 -28.38 4.45
CA PHE C 136 -9.35 -29.64 4.93
C PHE C 136 -7.86 -29.91 4.75
N THR C 137 -7.40 -30.95 5.43
CA THR C 137 -6.02 -31.37 5.38
C THR C 137 -5.69 -31.88 3.99
N PRO C 138 -4.41 -31.85 3.61
CA PRO C 138 -4.05 -32.33 2.27
C PRO C 138 -4.14 -33.84 2.11
N LEU C 139 -4.53 -34.26 0.90
CA LEU C 139 -4.65 -35.68 0.57
C LEU C 139 -3.44 -36.16 -0.21
N GLY C 140 -2.56 -35.23 -0.57
CA GLY C 140 -1.36 -35.60 -1.31
C GLY C 140 -0.69 -34.37 -1.88
N VAL C 141 0.17 -34.58 -2.89
CA VAL C 141 0.87 -33.49 -3.55
C VAL C 141 0.61 -33.58 -5.05
N GLU C 142 0.48 -32.44 -5.71
CA GLU C 142 0.25 -32.43 -7.15
C GLU C 142 1.42 -33.04 -7.93
N ASP C 143 1.11 -33.77 -9.00
CA ASP C 143 2.15 -34.33 -9.85
C ASP C 143 2.19 -33.43 -11.10
N GLU C 144 3.02 -33.78 -12.08
CA GLU C 144 3.13 -32.93 -13.27
C GLU C 144 1.82 -32.71 -14.02
N ALA C 145 0.97 -33.73 -14.05
CA ALA C 145 -0.31 -33.61 -14.74
C ALA C 145 -1.23 -32.60 -14.04
N GLU C 146 -1.22 -32.63 -12.70
CA GLU C 146 -2.04 -31.71 -11.91
C GLU C 146 -1.52 -30.29 -12.01
N VAL C 147 -0.19 -30.14 -12.14
CA VAL C 147 0.40 -28.81 -12.29
C VAL C 147 -0.14 -28.24 -13.60
N ALA C 148 -0.10 -29.07 -14.65
CA ALA C 148 -0.58 -28.66 -15.96
C ALA C 148 -2.07 -28.30 -15.87
N TRP C 149 -2.81 -29.06 -15.07
CA TRP C 149 -4.24 -28.80 -14.91
C TRP C 149 -4.52 -27.45 -14.26
N ARG C 150 -3.82 -27.12 -13.17
CA ARG C 150 -4.09 -25.85 -12.50
C ARG C 150 -3.63 -24.66 -13.32
N LYS C 151 -2.65 -24.88 -14.19
CA LYS C 151 -2.18 -23.80 -15.05
C LYS C 151 -3.24 -23.56 -16.12
N ASP C 152 -3.76 -24.65 -16.67
CA ASP C 152 -4.80 -24.59 -17.70
C ASP C 152 -6.06 -23.93 -17.16
N LEU C 153 -6.44 -24.29 -15.94
CA LEU C 153 -7.63 -23.73 -15.31
C LEU C 153 -7.60 -22.20 -15.28
N LEU C 154 -6.49 -21.62 -14.83
CA LEU C 154 -6.40 -20.16 -14.75
C LEU C 154 -6.47 -19.47 -16.11
N ARG C 155 -6.00 -20.13 -17.16
CA ARG C 155 -6.06 -19.52 -18.49
C ARG C 155 -7.50 -19.60 -19.01
N ARG C 156 -8.18 -20.71 -18.71
CA ARG C 156 -9.56 -20.88 -19.13
C ARG C 156 -10.45 -19.88 -18.42
N LEU C 157 -10.11 -19.58 -17.16
CA LEU C 157 -10.86 -18.63 -16.36
C LEU C 157 -10.55 -17.18 -16.71
N GLY C 158 -9.46 -16.98 -17.44
CA GLY C 158 -9.09 -15.63 -17.84
C GLY C 158 -8.25 -14.87 -16.82
N TYR C 159 -7.72 -15.58 -15.81
CA TYR C 159 -6.88 -14.94 -14.79
C TYR C 159 -5.41 -14.90 -15.19
N LYS C 160 -5.03 -15.76 -16.13
CA LYS C 160 -3.66 -15.80 -16.63
C LYS C 160 -3.74 -15.87 -18.15
N LEU C 161 -2.73 -15.32 -18.83
CA LEU C 161 -2.73 -15.32 -20.29
C LEU C 161 -1.79 -16.37 -20.88
N GLU D 2 -2.00 28.36 -24.88
CA GLU D 2 -1.11 29.31 -24.21
C GLU D 2 -0.61 28.78 -22.87
N LEU D 3 0.66 29.06 -22.56
CA LEU D 3 1.24 28.63 -21.29
C LEU D 3 1.25 29.79 -20.31
N LYS D 4 0.94 29.50 -19.06
CA LYS D 4 0.92 30.53 -18.03
C LYS D 4 1.64 30.04 -16.78
N LEU D 5 2.09 30.98 -15.96
CA LEU D 5 2.78 30.66 -14.72
C LEU D 5 1.96 31.25 -13.59
N ILE D 6 1.41 30.38 -12.74
CA ILE D 6 0.55 30.81 -11.64
C ILE D 6 1.21 30.65 -10.27
N PRO D 7 1.45 31.76 -9.56
CA PRO D 7 2.08 31.68 -8.24
C PRO D 7 1.07 31.27 -7.18
N ILE D 8 1.53 30.56 -6.15
CA ILE D 8 0.64 30.14 -5.08
C ILE D 8 0.83 31.07 -3.87
N GLU D 9 -0.27 31.59 -3.34
CA GLU D 9 -0.20 32.48 -2.18
C GLU D 9 -0.45 31.75 -0.88
N LYS D 10 0.41 31.99 0.11
CA LYS D 10 0.24 31.37 1.41
C LYS D 10 1.35 31.82 2.35
N PRO D 11 1.11 31.71 3.67
CA PRO D 11 2.14 32.11 4.63
C PRO D 11 3.38 31.23 4.37
N GLU D 12 4.57 31.78 4.64
CA GLU D 12 5.79 31.04 4.42
C GLU D 12 5.89 29.69 5.12
N ASN D 13 5.35 29.60 6.33
CA ASN D 13 5.44 28.38 7.13
C ASN D 13 4.40 27.29 6.86
N LEU D 14 3.54 27.48 5.87
CA LEU D 14 2.54 26.45 5.61
C LEU D 14 2.90 25.53 4.45
N ASN D 15 2.56 24.27 4.61
CA ASN D 15 2.81 23.27 3.58
C ASN D 15 1.56 23.09 2.75
N VAL D 16 1.74 22.81 1.47
CA VAL D 16 0.61 22.58 0.59
C VAL D 16 0.86 21.30 -0.21
N ILE D 17 -0.23 20.64 -0.59
CA ILE D 17 -0.16 19.42 -1.40
C ILE D 17 -1.09 19.67 -2.57
N LEU D 18 -0.51 19.67 -3.77
CA LEU D 18 -1.25 19.92 -5.01
C LEU D 18 -1.31 18.65 -5.84
N GLY D 19 -2.52 18.26 -6.25
CA GLY D 19 -2.63 17.03 -7.02
C GLY D 19 -3.76 16.96 -8.01
N GLN D 20 -3.94 15.77 -8.59
CA GLN D 20 -4.98 15.52 -9.60
C GLN D 20 -5.84 14.37 -9.09
N ALA D 21 -7.16 14.55 -9.15
CA ALA D 21 -8.08 13.50 -8.71
C ALA D 21 -9.22 13.42 -9.74
N HIS D 22 -10.35 12.90 -9.32
CA HIS D 22 -11.52 12.78 -10.18
C HIS D 22 -12.69 12.35 -9.30
N PHE D 23 -13.93 12.61 -9.75
CA PHE D 23 -15.14 12.24 -9.03
C PHE D 23 -15.35 13.10 -7.78
N ILE D 24 -16.59 13.55 -7.59
CA ILE D 24 -16.88 14.44 -6.47
C ILE D 24 -16.60 13.87 -5.07
N LYS D 25 -16.53 12.54 -4.95
CA LYS D 25 -16.26 11.89 -3.67
C LYS D 25 -14.87 12.23 -3.15
N THR D 26 -14.07 12.86 -4.02
CA THR D 26 -12.72 13.28 -3.66
C THR D 26 -12.73 14.12 -2.38
N VAL D 27 -13.69 15.03 -2.26
CA VAL D 27 -13.74 15.91 -1.10
C VAL D 27 -13.91 15.20 0.23
N GLU D 28 -14.99 14.45 0.41
CA GLU D 28 -15.19 13.74 1.67
C GLU D 28 -14.11 12.72 1.94
N ASP D 29 -13.69 11.98 0.91
CA ASP D 29 -12.65 10.96 1.10
C ASP D 29 -11.34 11.56 1.58
N LEU D 30 -10.91 12.67 0.98
CA LEU D 30 -9.65 13.29 1.40
C LEU D 30 -9.77 13.91 2.78
N HIS D 31 -10.89 14.55 3.06
CA HIS D 31 -11.09 15.15 4.38
C HIS D 31 -10.99 14.04 5.43
N GLU D 32 -11.67 12.93 5.18
CA GLU D 32 -11.66 11.82 6.12
C GLU D 32 -10.27 11.20 6.26
N ALA D 33 -9.56 11.10 5.15
CA ALA D 33 -8.22 10.52 5.14
C ALA D 33 -7.28 11.36 6.02
N LEU D 34 -7.44 12.68 5.95
CA LEU D 34 -6.60 13.56 6.74
C LEU D 34 -6.87 13.50 8.24
N VAL D 35 -8.14 13.53 8.63
CA VAL D 35 -8.47 13.49 10.06
C VAL D 35 -8.24 12.13 10.67
N THR D 36 -8.22 11.09 9.82
CA THR D 36 -7.97 9.74 10.29
C THR D 36 -6.47 9.57 10.52
N ALA D 37 -5.68 10.26 9.69
CA ALA D 37 -4.23 10.18 9.75
C ALA D 37 -3.58 10.89 10.94
N VAL D 38 -4.06 12.07 11.27
CA VAL D 38 -3.47 12.84 12.35
C VAL D 38 -4.55 13.41 13.27
N PRO D 39 -4.45 13.15 14.58
CA PRO D 39 -5.46 13.66 15.51
C PRO D 39 -5.35 15.17 15.67
N GLY D 40 -6.47 15.86 15.50
CA GLY D 40 -6.51 17.31 15.64
C GLY D 40 -5.88 18.08 14.49
N ILE D 41 -5.67 17.42 13.37
CA ILE D 41 -5.05 18.07 12.23
C ILE D 41 -5.87 19.26 11.76
N ARG D 42 -5.18 20.30 11.30
CA ARG D 42 -5.84 21.51 10.81
C ARG D 42 -5.48 21.69 9.35
N PHE D 43 -6.49 21.90 8.51
CA PHE D 43 -6.26 22.04 7.09
C PHE D 43 -7.42 22.66 6.33
N GLY D 44 -7.14 22.96 5.07
CA GLY D 44 -8.14 23.48 4.16
C GLY D 44 -7.98 22.63 2.91
N LEU D 45 -9.09 22.21 2.30
CA LEU D 45 -9.03 21.38 1.09
C LEU D 45 -9.98 21.91 0.02
N ALA D 46 -9.52 21.91 -1.22
CA ALA D 46 -10.37 22.34 -2.33
C ALA D 46 -10.19 21.38 -3.51
N PHE D 47 -11.27 21.10 -4.21
CA PHE D 47 -11.25 20.19 -5.36
C PHE D 47 -12.02 20.84 -6.50
N SER D 48 -11.45 20.85 -7.70
CA SER D 48 -12.11 21.51 -8.84
C SER D 48 -12.98 20.58 -9.68
N GLU D 49 -14.28 20.60 -9.45
CA GLU D 49 -15.23 19.79 -10.21
C GLU D 49 -15.07 20.24 -11.66
N ALA D 50 -14.90 19.28 -12.58
CA ALA D 50 -14.64 19.62 -13.97
C ALA D 50 -15.77 19.41 -14.96
N SER D 51 -16.94 19.08 -14.46
CA SER D 51 -18.12 18.85 -15.29
C SER D 51 -19.35 19.32 -14.52
N GLY D 52 -20.52 19.21 -15.12
CA GLY D 52 -21.74 19.63 -14.43
C GLY D 52 -21.69 21.11 -14.11
N LYS D 53 -21.93 21.46 -12.84
CA LYS D 53 -21.92 22.85 -12.42
C LYS D 53 -20.50 23.44 -12.39
N ARG D 54 -19.50 22.56 -12.49
CA ARG D 54 -18.09 22.97 -12.51
C ARG D 54 -17.72 23.88 -11.34
N LEU D 55 -18.13 23.47 -10.15
CA LEU D 55 -17.86 24.27 -8.96
C LEU D 55 -16.69 23.78 -8.13
N VAL D 56 -15.90 24.72 -7.62
CA VAL D 56 -14.81 24.35 -6.75
C VAL D 56 -15.51 23.88 -5.47
N ARG D 57 -15.12 22.70 -5.00
CA ARG D 57 -15.69 22.12 -3.79
C ARG D 57 -14.68 22.26 -2.66
N ARG D 58 -15.14 22.51 -1.44
CA ARG D 58 -14.20 22.70 -0.34
C ARG D 58 -14.64 22.10 0.98
N SER D 59 -13.64 21.84 1.83
CA SER D 59 -13.89 21.25 3.13
C SER D 59 -12.68 21.54 4.00
N GLY D 60 -12.85 21.58 5.32
CA GLY D 60 -11.69 21.86 6.15
C GLY D 60 -12.02 22.11 7.61
N THR D 61 -11.00 22.44 8.39
CA THR D 61 -11.17 22.69 9.83
C THR D 61 -11.17 24.17 10.22
N ASP D 62 -10.45 25.00 9.46
CA ASP D 62 -10.39 26.41 9.78
C ASP D 62 -10.71 27.24 8.55
N GLU D 63 -11.55 28.25 8.72
CA GLU D 63 -11.94 29.09 7.59
C GLU D 63 -10.77 29.71 6.83
N ALA D 64 -9.73 30.15 7.55
CA ALA D 64 -8.58 30.78 6.89
C ALA D 64 -7.82 29.80 5.99
N LEU D 65 -7.72 28.54 6.42
CA LEU D 65 -7.02 27.55 5.62
C LEU D 65 -7.85 27.17 4.40
N VAL D 66 -9.16 27.07 4.59
CA VAL D 66 -10.06 26.74 3.47
C VAL D 66 -10.00 27.86 2.43
N GLU D 67 -9.97 29.11 2.88
CA GLU D 67 -9.91 30.24 1.96
C GLU D 67 -8.66 30.16 1.08
N LEU D 68 -7.53 29.84 1.70
CA LEU D 68 -6.27 29.73 0.99
C LEU D 68 -6.35 28.66 -0.10
N ALA D 69 -6.91 27.51 0.25
CA ALA D 69 -7.04 26.41 -0.69
C ALA D 69 -7.95 26.79 -1.86
N VAL D 70 -9.13 27.32 -1.56
CA VAL D 70 -10.09 27.70 -2.60
C VAL D 70 -9.57 28.82 -3.49
N LYS D 71 -9.05 29.88 -2.86
CA LYS D 71 -8.55 31.03 -3.60
C LYS D 71 -7.48 30.62 -4.62
N ASN D 72 -6.51 29.83 -4.17
CA ASN D 72 -5.44 29.38 -5.07
C ASN D 72 -5.95 28.45 -6.15
N LEU D 73 -6.85 27.54 -5.78
CA LEU D 73 -7.37 26.61 -6.77
C LEU D 73 -8.14 27.36 -7.87
N LEU D 74 -8.88 28.40 -7.49
CA LEU D 74 -9.62 29.17 -8.47
C LEU D 74 -8.65 29.83 -9.45
N ASN D 75 -7.51 30.29 -8.96
CA ASN D 75 -6.50 30.91 -9.81
C ASN D 75 -5.92 29.92 -10.80
N LEU D 76 -5.72 28.69 -10.34
CA LEU D 76 -5.18 27.64 -11.19
C LEU D 76 -6.17 27.30 -12.30
N ALA D 77 -7.45 27.25 -11.92
CA ALA D 77 -8.53 26.98 -12.86
C ALA D 77 -8.32 25.76 -13.78
N CYS D 78 -7.94 24.63 -13.19
CA CYS D 78 -7.71 23.40 -13.95
C CYS D 78 -8.69 22.33 -13.46
N GLY D 79 -9.38 21.69 -14.40
CA GLY D 79 -10.33 20.65 -14.01
C GLY D 79 -9.69 19.48 -13.27
N HIS D 80 -10.40 19.00 -12.26
CA HIS D 80 -10.00 17.85 -11.43
C HIS D 80 -8.75 18.00 -10.57
N VAL D 81 -8.26 19.21 -10.42
CA VAL D 81 -7.10 19.44 -9.57
C VAL D 81 -7.57 19.65 -8.13
N PHE D 82 -6.77 19.22 -7.17
CA PHE D 82 -7.12 19.44 -5.77
C PHE D 82 -5.93 20.09 -5.07
N LEU D 83 -6.22 20.84 -4.01
CA LEU D 83 -5.16 21.49 -3.24
C LEU D 83 -5.47 21.38 -1.76
N ILE D 84 -4.48 20.94 -1.00
CA ILE D 84 -4.60 20.83 0.45
C ILE D 84 -3.62 21.82 1.07
N VAL D 85 -4.11 22.61 2.01
CA VAL D 85 -3.27 23.58 2.71
C VAL D 85 -3.25 23.10 4.16
N LEU D 86 -2.06 22.73 4.63
CA LEU D 86 -1.91 22.23 5.99
C LEU D 86 -1.59 23.35 6.98
N GLY D 87 -2.23 23.29 8.15
CA GLY D 87 -2.00 24.28 9.18
C GLY D 87 -0.62 24.14 9.78
N GLU D 88 -0.19 25.14 10.52
CA GLU D 88 1.13 25.12 11.15
C GLU D 88 1.35 23.89 12.02
N GLY D 89 2.51 23.25 11.85
CA GLY D 89 2.82 22.07 12.65
C GLY D 89 2.39 20.74 12.09
N PHE D 90 1.70 20.75 10.95
CA PHE D 90 1.26 19.52 10.29
C PHE D 90 2.01 19.42 8.96
N TYR D 91 2.58 18.26 8.70
CA TYR D 91 3.41 18.09 7.52
C TYR D 91 3.01 17.06 6.49
N PRO D 92 3.44 17.26 5.24
CA PRO D 92 3.09 16.30 4.19
C PRO D 92 3.54 14.87 4.52
N ILE D 93 4.69 14.68 5.16
CA ILE D 93 5.09 13.30 5.47
C ILE D 93 4.08 12.62 6.38
N ASN D 94 3.32 13.40 7.14
CA ASN D 94 2.31 12.85 8.04
C ASN D 94 1.10 12.33 7.29
N VAL D 95 0.80 12.91 6.13
CA VAL D 95 -0.40 12.54 5.42
C VAL D 95 -0.29 12.07 3.97
N LEU D 96 0.87 12.19 3.35
CA LEU D 96 0.98 11.77 1.95
C LEU D 96 0.50 10.34 1.72
N HIS D 97 0.74 9.46 2.70
CA HIS D 97 0.30 8.07 2.59
C HIS D 97 -1.20 7.99 2.31
N ALA D 98 -1.97 8.78 3.04
CA ALA D 98 -3.44 8.81 2.90
C ALA D 98 -3.89 9.46 1.58
N VAL D 99 -3.13 10.44 1.10
CA VAL D 99 -3.47 11.10 -0.16
C VAL D 99 -3.24 10.11 -1.30
N LYS D 100 -2.07 9.47 -1.30
CA LYS D 100 -1.72 8.49 -2.33
C LYS D 100 -2.71 7.34 -2.40
N ALA D 101 -3.16 6.89 -1.24
CA ALA D 101 -4.10 5.77 -1.15
C ALA D 101 -5.56 6.12 -1.45
N CYS D 102 -5.87 7.41 -1.51
CA CYS D 102 -7.24 7.82 -1.79
C CYS D 102 -7.65 7.29 -3.16
N PRO D 103 -8.76 6.52 -3.23
CA PRO D 103 -9.20 5.97 -4.51
C PRO D 103 -9.50 6.96 -5.64
N GLU D 104 -9.79 8.20 -5.30
CA GLU D 104 -10.05 9.23 -6.31
C GLU D 104 -8.78 9.93 -6.77
N VAL D 105 -7.74 9.88 -5.95
CA VAL D 105 -6.47 10.54 -6.29
C VAL D 105 -5.71 9.78 -7.36
N VAL D 106 -5.33 10.53 -8.40
CA VAL D 106 -4.61 9.99 -9.55
C VAL D 106 -3.10 10.21 -9.40
N ARG D 107 -2.71 11.42 -9.01
CA ARG D 107 -1.30 11.72 -8.80
C ARG D 107 -1.16 12.99 -7.96
N ILE D 108 0.05 13.23 -7.47
CA ILE D 108 0.33 14.40 -6.65
C ILE D 108 1.45 15.17 -7.34
N TYR D 109 1.21 16.44 -7.65
CA TYR D 109 2.20 17.27 -8.34
C TYR D 109 3.30 17.77 -7.45
N ALA D 110 2.95 18.18 -6.23
CA ALA D 110 3.93 18.71 -5.30
C ALA D 110 3.44 18.71 -3.87
N ALA D 111 4.38 18.66 -2.94
CA ALA D 111 4.12 18.73 -1.50
C ALA D 111 5.29 19.58 -1.03
N THR D 112 5.00 20.78 -0.52
CA THR D 112 6.10 21.65 -0.13
C THR D 112 5.69 22.87 0.70
N ALA D 113 6.70 23.50 1.30
CA ALA D 113 6.51 24.70 2.08
C ALA D 113 7.27 25.85 1.39
N ASN D 114 8.02 25.50 0.34
CA ASN D 114 8.80 26.48 -0.43
C ASN D 114 7.91 27.32 -1.33
N PRO D 115 8.41 28.48 -1.80
CA PRO D 115 7.63 29.34 -2.69
C PRO D 115 7.33 28.45 -3.89
N LEU D 116 6.09 28.48 -4.36
CA LEU D 116 5.68 27.61 -5.45
C LEU D 116 4.97 28.34 -6.60
N LYS D 117 5.29 27.93 -7.82
CA LYS D 117 4.66 28.49 -9.01
C LYS D 117 4.21 27.29 -9.86
N VAL D 118 3.03 27.39 -10.47
CA VAL D 118 2.52 26.30 -11.27
C VAL D 118 2.46 26.65 -12.76
N VAL D 119 3.02 25.77 -13.58
CA VAL D 119 3.02 25.95 -15.03
C VAL D 119 1.73 25.34 -15.57
N VAL D 120 0.94 26.13 -16.29
CA VAL D 120 -0.29 25.60 -16.84
C VAL D 120 -0.42 25.87 -18.33
N ALA D 121 -1.24 25.06 -18.99
CA ALA D 121 -1.52 25.21 -20.41
C ALA D 121 -3.00 25.46 -20.52
N GLU D 122 -3.40 26.39 -21.39
CA GLU D 122 -4.81 26.70 -21.55
C GLU D 122 -5.25 26.66 -23.00
N GLU D 123 -6.44 26.11 -23.23
CA GLU D 123 -7.02 26.01 -24.56
C GLU D 123 -8.53 26.05 -24.40
N GLY D 124 -9.14 27.15 -24.80
CA GLY D 124 -10.59 27.27 -24.66
C GLY D 124 -10.97 27.29 -23.20
N GLU D 125 -11.94 26.46 -22.83
CA GLU D 125 -12.38 26.39 -21.46
C GLU D 125 -11.72 25.25 -20.70
N GLN D 126 -10.49 24.94 -21.08
CA GLN D 126 -9.74 23.88 -20.42
C GLN D 126 -8.33 24.32 -20.05
N ARG D 127 -7.82 23.76 -18.95
CA ARG D 127 -6.46 24.02 -18.53
C ARG D 127 -5.85 22.73 -18.02
N ALA D 128 -4.54 22.63 -18.13
CA ALA D 128 -3.82 21.46 -17.67
C ALA D 128 -2.61 21.90 -16.87
N ILE D 129 -2.31 21.18 -15.79
CA ILE D 129 -1.13 21.48 -15.00
C ILE D 129 0.01 20.75 -15.69
N LEU D 130 1.05 21.48 -16.10
CA LEU D 130 2.19 20.87 -16.76
C LEU D 130 3.32 20.59 -15.78
N GLY D 131 3.40 21.39 -14.72
CA GLY D 131 4.47 21.19 -13.76
C GLY D 131 4.50 22.21 -12.65
N VAL D 132 5.43 22.03 -11.72
CA VAL D 132 5.53 22.94 -10.60
C VAL D 132 6.95 23.41 -10.35
N ASP D 134 9.02 24.30 -7.62
CA ASP D 134 9.08 24.11 -6.18
C ASP D 134 10.42 24.57 -5.63
N GLY D 135 10.43 25.74 -5.02
CA GLY D 135 11.67 26.24 -4.48
C GLY D 135 12.63 26.67 -5.58
N PHE D 136 13.92 26.65 -5.26
CA PHE D 136 14.92 27.11 -6.21
C PHE D 136 15.99 26.14 -6.69
N THR D 137 16.69 26.57 -7.74
CA THR D 137 17.76 25.79 -8.35
C THR D 137 18.89 25.58 -7.36
N PRO D 138 19.66 24.51 -7.54
CA PRO D 138 20.79 24.19 -6.65
C PRO D 138 21.98 25.14 -6.83
N LEU D 139 22.67 25.43 -5.73
CA LEU D 139 23.84 26.32 -5.76
C LEU D 139 25.14 25.54 -5.69
N GLY D 140 25.05 24.25 -5.39
CA GLY D 140 26.24 23.43 -5.31
C GLY D 140 25.91 22.05 -4.81
N VAL D 141 26.94 21.28 -4.46
CA VAL D 141 26.77 19.92 -3.96
C VAL D 141 27.29 19.88 -2.53
N GLU D 142 26.59 19.17 -1.65
CA GLU D 142 27.01 19.09 -0.25
C GLU D 142 28.38 18.47 -0.09
N ASP D 143 29.15 18.97 0.87
CA ASP D 143 30.46 18.43 1.16
C ASP D 143 30.30 17.59 2.42
N GLU D 144 31.40 17.07 2.94
CA GLU D 144 31.34 16.23 4.13
C GLU D 144 30.72 16.89 5.35
N ALA D 145 31.01 18.16 5.56
CA ALA D 145 30.47 18.88 6.71
C ALA D 145 28.95 18.99 6.60
N GLU D 146 28.45 19.22 5.39
CA GLU D 146 27.02 19.34 5.16
C GLU D 146 26.31 17.99 5.26
N VAL D 147 27.01 16.92 4.89
CA VAL D 147 26.44 15.59 5.01
C VAL D 147 26.27 15.33 6.50
N ALA D 148 27.29 15.67 7.28
CA ALA D 148 27.23 15.48 8.72
C ALA D 148 26.10 16.31 9.31
N TRP D 149 25.95 17.54 8.81
CA TRP D 149 24.91 18.44 9.30
C TRP D 149 23.51 17.88 9.11
N ARG D 150 23.19 17.40 7.90
CA ARG D 150 21.84 16.88 7.66
C ARG D 150 21.56 15.59 8.42
N LYS D 151 22.60 14.81 8.71
CA LYS D 151 22.40 13.59 9.46
C LYS D 151 22.10 13.96 10.91
N ASP D 152 22.87 14.89 11.44
CA ASP D 152 22.68 15.32 12.82
C ASP D 152 21.34 16.03 12.96
N LEU D 153 20.98 16.83 11.96
CA LEU D 153 19.72 17.55 11.97
C LEU D 153 18.54 16.61 12.24
N LEU D 154 18.48 15.52 11.49
CA LEU D 154 17.40 14.57 11.65
C LEU D 154 17.37 13.92 13.02
N ARG D 155 18.54 13.73 13.63
CA ARG D 155 18.58 13.14 14.97
C ARG D 155 18.07 14.17 15.98
N ARG D 156 18.46 15.43 15.81
CA ARG D 156 17.99 16.47 16.72
C ARG D 156 16.49 16.71 16.59
N LEU D 157 15.94 16.50 15.40
CA LEU D 157 14.51 16.69 15.19
C LEU D 157 13.73 15.48 15.69
N GLY D 158 14.45 14.39 15.95
CA GLY D 158 13.81 13.17 16.43
C GLY D 158 13.33 12.21 15.35
N TYR D 159 13.73 12.46 14.10
CA TYR D 159 13.33 11.59 12.99
C TYR D 159 14.24 10.39 12.79
N LYS D 160 15.45 10.47 13.30
CA LYS D 160 16.41 9.38 13.19
C LYS D 160 17.00 9.14 14.58
N LEU D 161 17.33 7.89 14.86
CA LEU D 161 17.86 7.53 16.18
C LEU D 161 19.38 7.66 16.27
N GLU E 2 8.63 20.83 -30.52
CA GLU E 2 7.34 21.44 -30.77
C GLU E 2 6.29 20.88 -29.81
N LEU E 3 5.32 21.71 -29.46
CA LEU E 3 4.24 21.29 -28.57
C LEU E 3 2.98 21.01 -29.38
N LYS E 4 2.21 20.03 -28.95
CA LYS E 4 0.98 19.67 -29.63
C LYS E 4 -0.10 19.36 -28.62
N LEU E 5 -1.36 19.45 -29.05
CA LEU E 5 -2.49 19.17 -28.18
C LEU E 5 -3.26 18.05 -28.87
N ILE E 6 -3.30 16.88 -28.23
CA ILE E 6 -3.97 15.73 -28.82
C ILE E 6 -5.21 15.30 -28.07
N PRO E 7 -6.39 15.47 -28.69
CA PRO E 7 -7.61 15.06 -28.00
C PRO E 7 -7.75 13.54 -27.99
N ILE E 8 -8.35 13.02 -26.92
CA ILE E 8 -8.57 11.59 -26.81
C ILE E 8 -9.96 11.37 -27.42
N GLU E 9 -10.06 10.46 -28.37
CA GLU E 9 -11.34 10.21 -29.02
C GLU E 9 -12.05 9.03 -28.35
N LYS E 10 -13.23 9.30 -27.82
CA LYS E 10 -14.00 8.26 -27.15
C LYS E 10 -15.45 8.69 -26.95
N PRO E 11 -16.36 7.72 -26.79
CA PRO E 11 -17.76 8.08 -26.60
C PRO E 11 -17.85 8.95 -25.33
N GLU E 12 -18.83 9.84 -25.28
CA GLU E 12 -19.01 10.70 -24.12
C GLU E 12 -19.22 9.86 -22.85
N ASN E 13 -18.69 10.35 -21.74
CA ASN E 13 -18.84 9.68 -20.44
C ASN E 13 -18.07 8.36 -20.26
N LEU E 14 -17.26 7.98 -21.24
CA LEU E 14 -16.49 6.74 -21.11
C LEU E 14 -15.25 7.01 -20.24
N ASN E 15 -15.01 6.15 -19.25
CA ASN E 15 -13.85 6.32 -18.36
C ASN E 15 -12.54 5.77 -18.91
N VAL E 16 -11.47 6.53 -18.75
CA VAL E 16 -10.15 6.09 -19.19
C VAL E 16 -9.12 6.38 -18.09
N ILE E 17 -8.00 5.69 -18.16
CA ILE E 17 -6.90 5.89 -17.22
C ILE E 17 -5.66 5.95 -18.10
N LEU E 18 -4.99 7.12 -18.09
CA LEU E 18 -3.80 7.32 -18.91
C LEU E 18 -2.60 7.42 -17.98
N GLY E 19 -1.56 6.62 -18.25
CA GLY E 19 -0.40 6.65 -17.38
C GLY E 19 0.92 6.35 -18.06
N GLN E 20 1.94 6.19 -17.25
CA GLN E 20 3.30 5.92 -17.71
C GLN E 20 3.79 4.63 -17.05
N ALA E 21 4.35 3.72 -17.86
CA ALA E 21 4.86 2.46 -17.32
C ALA E 21 6.21 2.16 -17.96
N HIS E 22 6.67 0.93 -17.78
CA HIS E 22 7.95 0.52 -18.36
C HIS E 22 7.99 -1.01 -18.30
N PHE E 23 8.78 -1.61 -19.19
CA PHE E 23 8.94 -3.07 -19.26
C PHE E 23 7.74 -3.73 -19.91
N ILE E 24 8.01 -4.66 -20.82
CA ILE E 24 6.97 -5.35 -21.56
C ILE E 24 5.95 -6.08 -20.68
N LYS E 25 6.37 -6.50 -19.48
CA LYS E 25 5.48 -7.20 -18.55
C LYS E 25 4.30 -6.34 -18.10
N THR E 26 4.35 -5.06 -18.44
CA THR E 26 3.27 -4.13 -18.13
C THR E 26 1.92 -4.65 -18.61
N VAL E 27 1.90 -5.18 -19.84
CA VAL E 27 0.65 -5.66 -20.43
C VAL E 27 -0.02 -6.80 -19.66
N GLU E 28 0.70 -7.89 -19.45
CA GLU E 28 0.11 -9.01 -18.72
C GLU E 28 -0.20 -8.65 -17.27
N ASP E 29 0.71 -7.93 -16.61
CA ASP E 29 0.47 -7.57 -15.21
C ASP E 29 -0.77 -6.67 -15.03
N LEU E 30 -0.94 -5.66 -15.87
CA LEU E 30 -2.11 -4.80 -15.73
C LEU E 30 -3.40 -5.53 -16.08
N HIS E 31 -3.35 -6.39 -17.10
CA HIS E 31 -4.55 -7.14 -17.46
C HIS E 31 -4.94 -8.00 -16.25
N GLU E 32 -3.97 -8.69 -15.68
CA GLU E 32 -4.24 -9.55 -14.52
C GLU E 32 -4.73 -8.76 -13.31
N ALA E 33 -4.14 -7.58 -13.09
CA ALA E 33 -4.54 -6.76 -11.95
C ALA E 33 -6.01 -6.33 -12.09
N LEU E 34 -6.40 -5.98 -13.31
CA LEU E 34 -7.78 -5.54 -13.55
C LEU E 34 -8.80 -6.66 -13.36
N VAL E 35 -8.55 -7.83 -13.94
CA VAL E 35 -9.52 -8.93 -13.79
C VAL E 35 -9.57 -9.49 -12.37
N THR E 36 -8.49 -9.29 -11.61
CA THR E 36 -8.45 -9.77 -10.23
C THR E 36 -9.18 -8.76 -9.33
N ALA E 37 -9.17 -7.50 -9.74
CA ALA E 37 -9.82 -6.45 -8.96
C ALA E 37 -11.35 -6.43 -9.05
N VAL E 38 -11.87 -6.69 -10.24
CA VAL E 38 -13.32 -6.63 -10.46
C VAL E 38 -13.80 -7.83 -11.29
N PRO E 39 -14.75 -8.59 -10.76
CA PRO E 39 -15.22 -9.74 -11.54
C PRO E 39 -16.02 -9.33 -12.78
N GLY E 40 -15.67 -9.93 -13.91
CA GLY E 40 -16.36 -9.65 -15.16
C GLY E 40 -16.06 -8.28 -15.75
N ILE E 41 -15.03 -7.62 -15.24
CA ILE E 41 -14.67 -6.29 -15.75
C ILE E 41 -14.41 -6.26 -17.26
N ARG E 42 -14.97 -5.25 -17.92
CA ARG E 42 -14.78 -5.07 -19.37
C ARG E 42 -13.82 -3.90 -19.56
N PHE E 43 -12.69 -4.16 -20.21
CA PHE E 43 -11.73 -3.08 -20.45
C PHE E 43 -10.87 -3.37 -21.65
N GLY E 44 -10.11 -2.35 -22.04
CA GLY E 44 -9.16 -2.47 -23.14
C GLY E 44 -7.89 -1.81 -22.60
N LEU E 45 -6.73 -2.38 -22.90
CA LEU E 45 -5.44 -1.84 -22.44
C LEU E 45 -4.44 -1.79 -23.59
N ALA E 46 -3.69 -0.69 -23.68
CA ALA E 46 -2.66 -0.53 -24.71
C ALA E 46 -1.42 0.03 -24.01
N PHE E 47 -0.24 -0.39 -24.46
CA PHE E 47 1.02 0.06 -23.87
C PHE E 47 1.99 0.32 -25.02
N SER E 48 2.63 1.48 -25.00
CA SER E 48 3.56 1.86 -26.06
C SER E 48 5.01 1.46 -25.77
N GLU E 49 5.43 0.31 -26.31
CA GLU E 49 6.80 -0.18 -26.13
C GLU E 49 7.69 0.89 -26.72
N ALA E 50 8.69 1.34 -25.97
CA ALA E 50 9.54 2.44 -26.41
C ALA E 50 10.95 2.09 -26.92
N SER E 51 11.24 0.81 -27.04
CA SER E 51 12.55 0.39 -27.53
C SER E 51 12.38 -0.93 -28.25
N GLY E 52 13.49 -1.52 -28.70
CA GLY E 52 13.40 -2.78 -29.41
C GLY E 52 12.47 -2.67 -30.60
N LYS E 53 11.48 -3.55 -30.67
CA LYS E 53 10.54 -3.55 -31.77
C LYS E 53 9.64 -2.31 -31.78
N ARG E 54 9.56 -1.61 -30.65
CA ARG E 54 8.73 -0.39 -30.56
C ARG E 54 7.30 -0.58 -31.02
N LEU E 55 6.67 -1.67 -30.60
CA LEU E 55 5.29 -1.95 -31.01
C LEU E 55 4.27 -1.61 -29.93
N VAL E 56 3.13 -1.05 -30.34
CA VAL E 56 2.07 -0.77 -29.37
C VAL E 56 1.54 -2.16 -29.02
N ARG E 57 1.45 -2.45 -27.71
CA ARG E 57 0.99 -3.74 -27.23
C ARG E 57 -0.43 -3.60 -26.69
N ARG E 58 -1.23 -4.66 -26.82
CA ARG E 58 -2.61 -4.58 -26.36
C ARG E 58 -3.14 -5.86 -25.74
N SER E 59 -4.13 -5.72 -24.87
CA SER E 59 -4.75 -6.85 -24.20
C SER E 59 -6.07 -6.36 -23.62
N GLY E 60 -7.03 -7.25 -23.43
CA GLY E 60 -8.29 -6.79 -22.88
C GLY E 60 -9.40 -7.82 -22.88
N THR E 61 -10.57 -7.41 -22.43
CA THR E 61 -11.71 -8.31 -22.36
C THR E 61 -12.88 -7.83 -23.21
N ASP E 62 -12.68 -6.75 -23.95
CA ASP E 62 -13.74 -6.15 -24.77
C ASP E 62 -13.08 -5.55 -26.02
N GLU E 63 -13.35 -6.10 -27.20
CA GLU E 63 -12.70 -5.58 -28.42
C GLU E 63 -12.96 -4.11 -28.72
N ALA E 64 -14.14 -3.62 -28.37
CA ALA E 64 -14.46 -2.22 -28.64
C ALA E 64 -13.53 -1.32 -27.82
N LEU E 65 -13.28 -1.73 -26.59
CA LEU E 65 -12.43 -0.96 -25.69
C LEU E 65 -10.94 -1.10 -26.04
N VAL E 66 -10.55 -2.28 -26.48
CA VAL E 66 -9.16 -2.50 -26.89
C VAL E 66 -8.87 -1.62 -28.11
N GLU E 67 -9.82 -1.57 -29.04
CA GLU E 67 -9.63 -0.75 -30.24
C GLU E 67 -9.43 0.72 -29.87
N LEU E 68 -10.26 1.22 -28.96
CA LEU E 68 -10.14 2.62 -28.53
C LEU E 68 -8.79 2.88 -27.87
N ALA E 69 -8.34 1.94 -27.03
CA ALA E 69 -7.07 2.12 -26.35
C ALA E 69 -5.92 2.16 -27.36
N VAL E 70 -5.93 1.23 -28.31
CA VAL E 70 -4.85 1.18 -29.29
C VAL E 70 -4.81 2.37 -30.24
N LYS E 71 -5.96 2.69 -30.83
CA LYS E 71 -6.04 3.81 -31.76
C LYS E 71 -5.59 5.11 -31.09
N ASN E 72 -6.04 5.35 -29.86
CA ASN E 72 -5.64 6.57 -29.17
C ASN E 72 -4.14 6.60 -28.85
N LEU E 73 -3.56 5.44 -28.48
CA LEU E 73 -2.13 5.41 -28.20
C LEU E 73 -1.31 5.65 -29.46
N LEU E 74 -1.83 5.23 -30.61
CA LEU E 74 -1.13 5.44 -31.87
C LEU E 74 -1.10 6.93 -32.18
N ASN E 75 -2.16 7.64 -31.79
CA ASN E 75 -2.24 9.08 -32.02
C ASN E 75 -1.27 9.81 -31.10
N LEU E 76 -1.24 9.40 -29.83
CA LEU E 76 -0.35 10.05 -28.86
C LEU E 76 1.11 9.82 -29.19
N ALA E 77 1.43 8.60 -29.63
CA ALA E 77 2.79 8.22 -30.02
C ALA E 77 3.85 8.65 -29.02
N CYS E 78 3.69 8.23 -27.77
CA CYS E 78 4.60 8.58 -26.67
C CYS E 78 5.15 7.30 -26.06
N GLY E 79 6.47 7.16 -26.07
CA GLY E 79 7.07 5.98 -25.49
C GLY E 79 6.70 5.72 -24.04
N HIS E 80 6.40 4.46 -23.73
CA HIS E 80 6.04 3.98 -22.40
C HIS E 80 4.71 4.44 -21.80
N VAL E 81 3.87 5.09 -22.59
CA VAL E 81 2.57 5.53 -22.10
C VAL E 81 1.62 4.33 -22.19
N PHE E 82 0.67 4.24 -21.27
CA PHE E 82 -0.33 3.16 -21.33
C PHE E 82 -1.70 3.80 -21.18
N LEU E 83 -2.71 3.15 -21.73
CA LEU E 83 -4.06 3.66 -21.67
C LEU E 83 -5.02 2.51 -21.41
N ILE E 84 -5.84 2.66 -20.37
CA ILE E 84 -6.85 1.67 -20.01
C ILE E 84 -8.18 2.34 -20.29
N VAL E 85 -9.05 1.64 -21.02
CA VAL E 85 -10.37 2.16 -21.36
C VAL E 85 -11.35 1.23 -20.66
N LEU E 86 -12.18 1.79 -19.78
CA LEU E 86 -13.12 0.99 -19.01
C LEU E 86 -14.53 0.97 -19.59
N GLY E 87 -15.16 -0.19 -19.54
CA GLY E 87 -16.51 -0.31 -20.06
C GLY E 87 -17.53 0.38 -19.18
N GLU E 88 -18.72 0.57 -19.71
CA GLU E 88 -19.79 1.22 -18.97
C GLU E 88 -20.05 0.47 -17.67
N GLY E 89 -20.19 1.22 -16.58
CA GLY E 89 -20.45 0.59 -15.30
C GLY E 89 -19.22 0.23 -14.49
N PHE E 90 -18.03 0.43 -15.07
CA PHE E 90 -16.77 0.14 -14.40
C PHE E 90 -16.05 1.48 -14.21
N TYR E 91 -15.55 1.71 -13.00
CA TYR E 91 -14.95 3.00 -12.67
C TYR E 91 -13.52 2.99 -12.20
N PRO E 92 -12.80 4.11 -12.44
CA PRO E 92 -11.41 4.16 -11.99
C PRO E 92 -11.26 3.90 -10.49
N ILE E 93 -12.21 4.34 -9.67
CA ILE E 93 -12.06 4.10 -8.23
C ILE E 93 -12.03 2.61 -7.90
N ASN E 94 -12.59 1.79 -8.79
CA ASN E 94 -12.62 0.34 -8.58
C ASN E 94 -11.25 -0.29 -8.83
N VAL E 95 -10.47 0.34 -9.71
CA VAL E 95 -9.18 -0.24 -10.11
C VAL E 95 -7.91 0.56 -9.95
N LEU E 96 -7.99 1.83 -9.58
CA LEU E 96 -6.77 2.61 -9.43
C LEU E 96 -5.79 2.00 -8.44
N HIS E 97 -6.30 1.38 -7.38
CA HIS E 97 -5.41 0.75 -6.40
C HIS E 97 -4.48 -0.24 -7.08
N ALA E 98 -5.04 -1.04 -7.99
CA ALA E 98 -4.28 -2.05 -8.72
C ALA E 98 -3.31 -1.46 -9.75
N VAL E 99 -3.70 -0.34 -10.34
CA VAL E 99 -2.82 0.32 -11.32
C VAL E 99 -1.65 0.94 -10.56
N LYS E 100 -1.95 1.64 -9.48
CA LYS E 100 -0.91 2.28 -8.67
C LYS E 100 0.10 1.26 -8.14
N ALA E 101 -0.39 0.10 -7.75
CA ALA E 101 0.44 -0.95 -7.18
C ALA E 101 1.19 -1.81 -8.19
N CYS E 102 0.85 -1.71 -9.46
CA CYS E 102 1.53 -2.51 -10.48
C CYS E 102 3.03 -2.14 -10.48
N PRO E 103 3.91 -3.14 -10.35
CA PRO E 103 5.36 -2.88 -10.34
C PRO E 103 5.91 -2.16 -11.55
N GLU E 104 5.22 -2.25 -12.68
CA GLU E 104 5.68 -1.60 -13.90
C GLU E 104 5.17 -0.18 -14.05
N VAL E 105 4.12 0.16 -13.32
CA VAL E 105 3.53 1.50 -13.41
C VAL E 105 4.37 2.52 -12.65
N VAL E 106 4.65 3.63 -13.33
CA VAL E 106 5.47 4.71 -12.81
C VAL E 106 4.60 5.83 -12.24
N ARG E 107 3.59 6.21 -13.01
CA ARG E 107 2.67 7.27 -12.60
C ARG E 107 1.41 7.23 -13.45
N ILE E 108 0.39 7.94 -12.99
CA ILE E 108 -0.88 8.02 -13.70
C ILE E 108 -1.13 9.51 -13.99
N TYR E 109 -1.34 9.84 -15.26
CA TYR E 109 -1.59 11.22 -15.66
C TYR E 109 -3.00 11.66 -15.35
N ALA E 110 -3.95 10.80 -15.68
CA ALA E 110 -5.35 11.12 -15.47
C ALA E 110 -6.24 9.89 -15.44
N ALA E 111 -7.39 10.04 -14.79
CA ALA E 111 -8.41 8.99 -14.68
C ALA E 111 -9.68 9.82 -14.73
N THR E 112 -10.49 9.63 -15.75
CA THR E 112 -11.66 10.48 -15.90
C THR E 112 -12.61 10.01 -17.00
N ALA E 113 -13.84 10.53 -16.94
CA ALA E 113 -14.84 10.23 -17.94
C ALA E 113 -15.12 11.52 -18.74
N ASN E 114 -14.47 12.62 -18.34
CA ASN E 114 -14.63 13.91 -19.02
C ASN E 114 -13.88 13.95 -20.35
N PRO E 115 -14.22 14.93 -21.19
CA PRO E 115 -13.52 15.06 -22.49
C PRO E 115 -12.08 15.39 -22.10
N LEU E 116 -11.09 14.84 -22.79
CA LEU E 116 -9.72 15.18 -22.43
C LEU E 116 -8.80 15.37 -23.62
N LYS E 117 -7.82 16.24 -23.43
CA LYS E 117 -6.82 16.54 -24.45
C LYS E 117 -5.47 16.38 -23.77
N VAL E 118 -4.49 15.87 -24.50
CA VAL E 118 -3.17 15.65 -23.93
C VAL E 118 -2.16 16.62 -24.53
N VAL E 119 -1.40 17.30 -23.67
CA VAL E 119 -0.37 18.23 -24.11
C VAL E 119 0.90 17.41 -24.27
N VAL E 120 1.49 17.45 -25.46
CA VAL E 120 2.70 16.69 -25.73
C VAL E 120 3.82 17.54 -26.32
N ALA E 121 5.05 17.10 -26.11
CA ALA E 121 6.23 17.75 -26.63
C ALA E 121 6.88 16.72 -27.55
N GLU E 122 7.39 17.17 -28.69
CA GLU E 122 8.02 16.26 -29.64
C GLU E 122 9.40 16.73 -30.08
N GLU E 123 10.33 15.78 -30.21
CA GLU E 123 11.69 16.07 -30.65
C GLU E 123 12.26 14.79 -31.24
N GLY E 124 12.57 14.82 -32.54
CA GLY E 124 13.10 13.62 -33.17
C GLY E 124 12.10 12.47 -33.11
N GLU E 125 12.57 11.28 -32.75
CA GLU E 125 11.68 10.13 -32.66
C GLU E 125 11.19 9.94 -31.24
N GLN E 126 10.98 11.04 -30.53
CA GLN E 126 10.52 11.00 -29.14
C GLN E 126 9.40 12.00 -28.85
N ARG E 127 8.55 11.64 -27.90
CA ARG E 127 7.47 12.51 -27.47
C ARG E 127 7.30 12.36 -25.97
N ALA E 128 6.86 13.42 -25.31
CA ALA E 128 6.66 13.39 -23.88
C ALA E 128 5.29 13.96 -23.54
N ILE E 129 4.61 13.36 -22.57
CA ILE E 129 3.32 13.87 -22.16
C ILE E 129 3.61 14.92 -21.09
N LEU E 130 3.17 16.15 -21.33
CA LEU E 130 3.42 17.25 -20.40
C LEU E 130 2.26 17.48 -19.43
N GLY E 131 1.07 17.03 -19.80
CA GLY E 131 -0.07 17.23 -18.94
C GLY E 131 -1.38 16.86 -19.62
N VAL E 132 -2.46 16.93 -18.86
CA VAL E 132 -3.76 16.59 -19.41
C VAL E 132 -4.83 17.63 -19.08
N ASP E 134 -8.21 17.85 -18.34
CA ASP E 134 -9.28 16.98 -17.88
C ASP E 134 -10.55 17.76 -17.58
N GLY E 135 -11.51 17.71 -18.50
CA GLY E 135 -12.72 18.46 -18.24
C GLY E 135 -12.49 19.95 -18.33
N PHE E 136 -13.36 20.70 -17.69
CA PHE E 136 -13.33 22.15 -17.79
C PHE E 136 -13.00 23.00 -16.57
N THR E 137 -12.71 24.28 -16.85
CA THR E 137 -12.38 25.24 -15.80
C THR E 137 -13.56 25.48 -14.88
N PRO E 138 -13.28 25.87 -13.63
CA PRO E 138 -14.35 26.12 -12.67
C PRO E 138 -15.18 27.37 -12.99
N LEU E 139 -16.48 27.31 -12.67
CA LEU E 139 -17.40 28.42 -12.92
C LEU E 139 -17.77 29.16 -11.61
N GLY E 140 -17.28 28.65 -10.48
CA GLY E 140 -17.58 29.26 -9.21
C GLY E 140 -17.19 28.36 -8.06
N VAL E 141 -17.81 28.59 -6.90
CA VAL E 141 -17.57 27.81 -5.70
C VAL E 141 -18.92 27.38 -5.12
N GLU E 142 -18.98 26.16 -4.60
CA GLU E 142 -20.23 25.66 -4.03
C GLU E 142 -20.74 26.47 -2.83
N ASP E 143 -22.05 26.67 -2.78
CA ASP E 143 -22.68 27.37 -1.67
C ASP E 143 -23.20 26.29 -0.74
N GLU E 144 -23.87 26.66 0.33
CA GLU E 144 -24.37 25.66 1.28
C GLU E 144 -25.28 24.63 0.64
N ALA E 145 -26.11 25.07 -0.31
CA ALA E 145 -27.02 24.16 -0.99
C ALA E 145 -26.25 23.11 -1.79
N GLU E 146 -25.17 23.55 -2.46
CA GLU E 146 -24.35 22.66 -3.26
C GLU E 146 -23.58 21.69 -2.37
N VAL E 147 -23.17 22.17 -1.21
CA VAL E 147 -22.47 21.30 -0.26
C VAL E 147 -23.44 20.19 0.17
N ALA E 148 -24.68 20.57 0.48
CA ALA E 148 -25.67 19.58 0.89
C ALA E 148 -25.97 18.63 -0.26
N TRP E 149 -25.99 19.15 -1.48
CA TRP E 149 -26.26 18.36 -2.66
C TRP E 149 -25.24 17.25 -2.89
N ARG E 150 -23.95 17.58 -2.82
CA ARG E 150 -22.96 16.53 -3.06
C ARG E 150 -22.90 15.51 -1.93
N LYS E 151 -23.20 15.92 -0.71
CA LYS E 151 -23.19 14.99 0.41
C LYS E 151 -24.33 14.02 0.21
N ASP E 152 -25.50 14.57 -0.14
CA ASP E 152 -26.68 13.76 -0.36
C ASP E 152 -26.54 12.86 -1.57
N LEU E 153 -25.92 13.36 -2.64
CA LEU E 153 -25.72 12.58 -3.85
C LEU E 153 -24.97 11.29 -3.57
N LEU E 154 -23.88 11.38 -2.79
CA LEU E 154 -23.09 10.20 -2.47
C LEU E 154 -23.89 9.18 -1.67
N ARG E 155 -24.81 9.67 -0.84
CA ARG E 155 -25.63 8.75 -0.04
C ARG E 155 -26.62 8.03 -0.94
N ARG E 156 -27.18 8.74 -1.92
CA ARG E 156 -28.13 8.13 -2.83
C ARG E 156 -27.44 7.20 -3.82
N LEU E 157 -26.15 7.43 -4.08
CA LEU E 157 -25.40 6.57 -4.99
C LEU E 157 -24.91 5.34 -4.23
N GLY E 158 -25.00 5.38 -2.91
CA GLY E 158 -24.57 4.27 -2.09
C GLY E 158 -23.10 4.30 -1.66
N TYR E 159 -22.41 5.41 -1.90
CA TYR E 159 -21.00 5.53 -1.53
C TYR E 159 -20.75 6.03 -0.12
N LYS E 160 -21.76 6.65 0.48
CA LYS E 160 -21.67 7.15 1.84
C LYS E 160 -22.94 6.69 2.56
N LEU E 161 -22.82 6.41 3.85
CA LEU E 161 -23.95 5.94 4.63
C LEU E 161 -24.78 7.06 5.26
N GLU F 2 11.10 30.16 -20.04
CA GLU F 2 11.69 29.48 -21.19
C GLU F 2 11.62 27.96 -21.02
N LEU F 3 11.47 27.25 -22.14
CA LEU F 3 11.39 25.79 -22.14
C LEU F 3 12.70 25.19 -22.64
N LYS F 4 13.21 24.20 -21.91
CA LYS F 4 14.47 23.56 -22.27
C LYS F 4 14.30 22.04 -22.34
N LEU F 5 15.21 21.39 -23.08
CA LEU F 5 15.20 19.94 -23.20
C LEU F 5 16.55 19.46 -22.67
N ILE F 6 16.50 18.72 -21.56
CA ILE F 6 17.71 18.22 -20.91
C ILE F 6 17.90 16.71 -20.97
N PRO F 7 18.92 16.24 -21.72
CA PRO F 7 19.18 14.80 -21.84
C PRO F 7 19.76 14.24 -20.53
N ILE F 8 19.33 13.06 -20.14
CA ILE F 8 19.85 12.44 -18.94
C ILE F 8 21.02 11.56 -19.39
N GLU F 9 22.17 11.75 -18.76
CA GLU F 9 23.37 10.99 -19.10
C GLU F 9 23.40 9.69 -18.29
N LYS F 10 23.52 8.55 -18.97
CA LYS F 10 23.58 7.27 -18.28
C LYS F 10 23.87 6.11 -19.23
N PRO F 11 24.64 5.11 -18.77
CA PRO F 11 24.96 3.96 -19.61
C PRO F 11 23.65 3.27 -20.01
N GLU F 12 23.57 2.85 -21.27
CA GLU F 12 22.37 2.20 -21.81
C GLU F 12 21.80 1.04 -21.00
N ASN F 13 22.65 0.34 -20.27
CA ASN F 13 22.18 -0.81 -19.50
C ASN F 13 21.74 -0.48 -18.08
N LEU F 14 21.83 0.79 -17.69
CA LEU F 14 21.43 1.18 -16.35
C LEU F 14 20.03 1.80 -16.34
N ASN F 15 19.31 1.56 -15.25
CA ASN F 15 17.96 2.09 -15.08
C ASN F 15 18.01 3.30 -14.17
N VAL F 16 17.17 4.28 -14.46
CA VAL F 16 17.10 5.46 -13.62
C VAL F 16 15.66 5.68 -13.20
N ILE F 17 15.49 6.22 -12.00
CA ILE F 17 14.16 6.54 -11.49
C ILE F 17 14.27 8.01 -11.14
N LEU F 18 13.47 8.83 -11.83
CA LEU F 18 13.46 10.28 -11.64
C LEU F 18 12.13 10.69 -11.04
N GLY F 19 12.17 11.45 -9.95
CA GLY F 19 10.93 11.87 -9.32
C GLY F 19 10.98 13.18 -8.58
N GLN F 20 9.90 13.44 -7.85
CA GLN F 20 9.74 14.66 -7.08
C GLN F 20 9.56 14.27 -5.62
N ALA F 21 10.23 14.98 -4.71
CA ALA F 21 10.10 14.71 -3.28
C ALA F 21 10.08 16.03 -2.52
N HIS F 22 10.43 15.99 -1.23
CA HIS F 22 10.48 17.19 -0.40
C HIS F 22 11.06 16.80 0.95
N PHE F 23 11.66 17.76 1.66
CA PHE F 23 12.25 17.54 2.98
C PHE F 23 13.56 16.76 2.90
N ILE F 24 14.57 17.26 3.62
CA ILE F 24 15.91 16.68 3.62
C ILE F 24 15.96 15.18 3.96
N LYS F 25 14.98 14.69 4.71
CA LYS F 25 14.95 13.28 5.09
C LYS F 25 14.81 12.35 3.88
N THR F 26 14.48 12.94 2.73
CA THR F 26 14.34 12.19 1.47
C THR F 26 15.58 11.31 1.21
N VAL F 27 16.77 11.86 1.43
CA VAL F 27 18.01 11.13 1.17
C VAL F 27 18.18 9.84 1.99
N GLU F 28 18.15 9.95 3.31
CA GLU F 28 18.31 8.76 4.12
C GLU F 28 17.15 7.79 3.94
N ASP F 29 15.92 8.30 3.86
CA ASP F 29 14.77 7.42 3.70
C ASP F 29 14.82 6.60 2.42
N LEU F 30 15.17 7.23 1.30
CA LEU F 30 15.24 6.49 0.04
C LEU F 30 16.39 5.51 0.02
N HIS F 31 17.54 5.91 0.57
CA HIS F 31 18.68 5.00 0.62
C HIS F 31 18.30 3.77 1.42
N GLU F 32 17.65 3.98 2.56
CA GLU F 32 17.23 2.86 3.40
C GLU F 32 16.18 2.00 2.71
N ALA F 33 15.26 2.65 2.01
CA ALA F 33 14.20 1.92 1.30
C ALA F 33 14.80 1.01 0.24
N LEU F 34 15.82 1.49 -0.44
CA LEU F 34 16.46 0.71 -1.50
C LEU F 34 17.21 -0.50 -0.95
N VAL F 35 18.03 -0.31 0.10
CA VAL F 35 18.79 -1.44 0.63
C VAL F 35 17.91 -2.44 1.38
N THR F 36 16.74 -1.99 1.81
CA THR F 36 15.82 -2.85 2.52
C THR F 36 15.03 -3.68 1.50
N ALA F 37 14.82 -3.12 0.31
CA ALA F 37 14.08 -3.81 -0.75
C ALA F 37 14.86 -4.90 -1.50
N VAL F 38 16.14 -4.66 -1.71
CA VAL F 38 16.97 -5.61 -2.46
C VAL F 38 18.34 -5.81 -1.79
N PRO F 39 18.69 -7.06 -1.45
CA PRO F 39 19.99 -7.29 -0.81
C PRO F 39 21.18 -7.06 -1.75
N GLY F 40 22.18 -6.32 -1.26
CA GLY F 40 23.36 -6.05 -2.06
C GLY F 40 23.13 -5.11 -3.22
N ILE F 41 22.01 -4.39 -3.19
CA ILE F 41 21.71 -3.47 -4.28
C ILE F 41 22.76 -2.37 -4.45
N ARG F 42 23.10 -2.07 -5.70
CA ARG F 42 24.08 -1.04 -6.01
C ARG F 42 23.34 0.11 -6.68
N PHE F 43 23.53 1.32 -6.15
CA PHE F 43 22.85 2.49 -6.71
C PHE F 43 23.49 3.78 -6.26
N GLY F 44 23.04 4.85 -6.90
CA GLY F 44 23.49 6.20 -6.59
C GLY F 44 22.22 7.02 -6.48
N LEU F 45 22.15 7.90 -5.48
CA LEU F 45 20.96 8.73 -5.27
C LEU F 45 21.31 10.20 -5.04
N ALA F 46 20.53 11.10 -5.63
CA ALA F 46 20.75 12.53 -5.44
C ALA F 46 19.40 13.22 -5.26
N PHE F 47 19.38 14.28 -4.47
CA PHE F 47 18.17 15.04 -4.19
C PHE F 47 18.51 16.52 -4.20
N SER F 48 17.70 17.31 -4.89
CA SER F 48 17.96 18.74 -5.03
C SER F 48 17.26 19.58 -3.96
N GLU F 49 17.99 19.94 -2.92
CA GLU F 49 17.44 20.78 -1.85
C GLU F 49 17.02 22.07 -2.52
N ALA F 50 15.80 22.52 -2.26
CA ALA F 50 15.27 23.72 -2.92
C ALA F 50 15.20 24.99 -2.10
N SER F 51 15.72 24.95 -0.88
CA SER F 51 15.72 26.13 -0.02
C SER F 51 16.98 26.07 0.83
N GLY F 52 17.14 27.03 1.73
CA GLY F 52 18.32 27.03 2.58
C GLY F 52 19.59 27.09 1.73
N LYS F 53 20.53 26.19 2.01
CA LYS F 53 21.78 26.16 1.25
C LYS F 53 21.56 25.74 -0.20
N ARG F 54 20.39 25.19 -0.50
CA ARG F 54 20.07 24.76 -1.87
C ARG F 54 21.16 23.88 -2.46
N LEU F 55 21.55 22.86 -1.70
CA LEU F 55 22.60 21.96 -2.15
C LEU F 55 22.09 20.61 -2.61
N VAL F 56 22.71 20.09 -3.67
CA VAL F 56 22.33 18.76 -4.14
C VAL F 56 22.87 17.81 -3.08
N ARG F 57 22.00 16.93 -2.60
CA ARG F 57 22.37 15.96 -1.57
C ARG F 57 22.51 14.60 -2.22
N ARG F 58 23.41 13.78 -1.71
CA ARG F 58 23.59 12.47 -2.31
C ARG F 58 23.98 11.36 -1.35
N SER F 59 23.69 10.13 -1.76
CA SER F 59 23.98 8.96 -0.96
C SER F 59 23.95 7.77 -1.91
N GLY F 60 24.64 6.69 -1.55
CA GLY F 60 24.64 5.52 -2.42
C GLY F 60 25.56 4.41 -1.95
N THR F 61 25.56 3.31 -2.70
CA THR F 61 26.40 2.16 -2.36
C THR F 61 27.48 1.99 -3.42
N ASP F 62 27.47 2.87 -4.41
CA ASP F 62 28.43 2.82 -5.50
C ASP F 62 28.78 4.26 -5.90
N GLU F 63 30.02 4.66 -5.63
CA GLU F 63 30.49 6.00 -5.92
C GLU F 63 30.32 6.49 -7.36
N ALA F 64 30.55 5.61 -8.33
CA ALA F 64 30.39 6.00 -9.72
C ALA F 64 28.93 6.33 -10.01
N LEU F 65 28.02 5.58 -9.40
CA LEU F 65 26.59 5.79 -9.61
C LEU F 65 26.11 7.04 -8.90
N VAL F 66 26.71 7.34 -7.75
CA VAL F 66 26.34 8.53 -7.00
C VAL F 66 26.74 9.75 -7.82
N GLU F 67 27.96 9.73 -8.35
CA GLU F 67 28.45 10.84 -9.15
C GLU F 67 27.53 11.10 -10.35
N LEU F 68 27.06 10.01 -10.95
CA LEU F 68 26.18 10.13 -12.12
C LEU F 68 24.85 10.77 -11.76
N ALA F 69 24.32 10.43 -10.58
CA ALA F 69 23.05 10.99 -10.16
C ALA F 69 23.22 12.49 -9.87
N VAL F 70 24.31 12.85 -9.23
CA VAL F 70 24.56 14.26 -8.91
C VAL F 70 24.78 15.09 -10.17
N LYS F 71 25.56 14.57 -11.10
CA LYS F 71 25.83 15.31 -12.33
C LYS F 71 24.56 15.63 -13.09
N ASN F 72 23.68 14.63 -13.21
CA ASN F 72 22.43 14.84 -13.91
C ASN F 72 21.52 15.85 -13.20
N LEU F 73 21.51 15.82 -11.87
CA LEU F 73 20.67 16.77 -11.13
C LEU F 73 21.19 18.19 -11.24
N LEU F 74 22.51 18.35 -11.38
CA LEU F 74 23.07 19.68 -11.53
C LEU F 74 22.61 20.24 -12.87
N ASN F 75 22.54 19.39 -13.88
CA ASN F 75 22.10 19.84 -15.21
C ASN F 75 20.61 20.12 -15.22
N LEU F 76 19.82 19.29 -14.54
CA LEU F 76 18.38 19.51 -14.48
C LEU F 76 18.05 20.78 -13.71
N ALA F 77 18.74 20.98 -12.60
CA ALA F 77 18.56 22.16 -11.76
C ALA F 77 17.10 22.45 -11.41
N CYS F 78 16.37 21.42 -10.94
CA CYS F 78 14.98 21.59 -10.56
C CYS F 78 14.81 21.35 -9.06
N GLY F 79 14.26 22.32 -8.35
CA GLY F 79 14.08 22.17 -6.92
C GLY F 79 13.22 20.97 -6.54
N HIS F 80 13.68 20.23 -5.53
CA HIS F 80 13.00 19.05 -4.98
C HIS F 80 12.92 17.79 -5.84
N VAL F 81 13.68 17.74 -6.93
CA VAL F 81 13.68 16.57 -7.78
C VAL F 81 14.72 15.59 -7.22
N PHE F 82 14.50 14.30 -7.44
CA PHE F 82 15.46 13.29 -6.99
C PHE F 82 15.73 12.34 -8.14
N LEU F 83 16.90 11.73 -8.14
CA LEU F 83 17.26 10.79 -9.18
C LEU F 83 18.01 9.61 -8.59
N ILE F 84 17.55 8.41 -8.92
CA ILE F 84 18.19 7.19 -8.48
C ILE F 84 18.77 6.51 -9.72
N VAL F 85 20.03 6.12 -9.65
CA VAL F 85 20.68 5.42 -10.77
C VAL F 85 20.95 4.00 -10.25
N LEU F 86 20.31 3.01 -10.86
CA LEU F 86 20.47 1.62 -10.44
C LEU F 86 21.59 0.92 -11.18
N GLY F 87 22.41 0.17 -10.42
CA GLY F 87 23.50 -0.56 -11.04
C GLY F 87 23.02 -1.70 -11.92
N GLU F 88 23.91 -2.25 -12.73
CA GLU F 88 23.56 -3.35 -13.62
C GLU F 88 22.89 -4.51 -12.88
N GLY F 89 21.79 -4.99 -13.45
CA GLY F 89 21.09 -6.12 -12.84
C GLY F 89 20.04 -5.78 -11.81
N PHE F 90 19.88 -4.50 -11.48
CA PHE F 90 18.88 -4.07 -10.49
C PHE F 90 17.86 -3.25 -11.26
N TYR F 91 16.60 -3.63 -11.13
CA TYR F 91 15.54 -3.00 -11.90
C TYR F 91 14.47 -2.23 -11.15
N PRO F 92 13.82 -1.27 -11.84
CA PRO F 92 12.77 -0.50 -11.17
C PRO F 92 11.63 -1.36 -10.63
N ILE F 93 11.28 -2.47 -11.29
CA ILE F 93 10.19 -3.30 -10.77
C ILE F 93 10.54 -3.86 -9.39
N ASN F 94 11.83 -3.95 -9.09
CA ASN F 94 12.31 -4.48 -7.81
C ASN F 94 12.13 -3.46 -6.69
N VAL F 95 12.20 -2.17 -7.02
CA VAL F 95 12.17 -1.12 -6.01
C VAL F 95 11.12 0.00 -6.11
N LEU F 96 10.36 0.07 -7.19
CA LEU F 96 9.38 1.15 -7.29
C LEU F 96 8.43 1.19 -6.11
N HIS F 97 8.08 0.01 -5.59
CA HIS F 97 7.16 -0.06 -4.44
C HIS F 97 7.69 0.74 -3.26
N ALA F 98 9.00 0.66 -3.03
CA ALA F 98 9.65 1.35 -1.90
C ALA F 98 9.78 2.83 -2.15
N VAL F 99 9.93 3.21 -3.42
CA VAL F 99 10.04 4.62 -3.77
C VAL F 99 8.65 5.27 -3.66
N LYS F 100 7.64 4.58 -4.18
CA LYS F 100 6.28 5.08 -4.12
C LYS F 100 5.83 5.27 -2.68
N ALA F 101 6.23 4.33 -1.81
CA ALA F 101 5.85 4.36 -0.41
C ALA F 101 6.65 5.31 0.47
N CYS F 102 7.79 5.77 -0.02
CA CYS F 102 8.60 6.68 0.78
C CYS F 102 7.75 7.92 1.11
N PRO F 103 7.66 8.28 2.41
CA PRO F 103 6.88 9.42 2.89
C PRO F 103 7.21 10.77 2.29
N GLU F 104 8.45 10.93 1.83
CA GLU F 104 8.87 12.18 1.23
C GLU F 104 8.61 12.26 -0.28
N VAL F 105 8.43 11.10 -0.91
CA VAL F 105 8.20 11.05 -2.36
C VAL F 105 6.78 11.47 -2.72
N VAL F 106 6.69 12.42 -3.65
CA VAL F 106 5.43 12.96 -4.11
C VAL F 106 4.97 12.25 -5.37
N ARG F 107 5.89 12.07 -6.30
CA ARG F 107 5.58 11.40 -7.55
C ARG F 107 6.86 10.98 -8.27
N ILE F 108 6.68 10.13 -9.27
CA ILE F 108 7.82 9.64 -10.05
C ILE F 108 7.55 9.99 -11.51
N TYR F 109 8.52 10.67 -12.14
CA TYR F 109 8.37 11.08 -13.54
C TYR F 109 8.67 9.96 -14.52
N ALA F 110 9.70 9.16 -14.23
CA ALA F 110 10.07 8.08 -15.11
C ALA F 110 10.93 7.04 -14.41
N ALA F 111 10.84 5.81 -14.90
CA ALA F 111 11.60 4.68 -14.40
C ALA F 111 11.92 3.97 -15.69
N THR F 112 13.18 4.00 -16.11
CA THR F 112 13.49 3.41 -17.41
C THR F 112 14.98 3.25 -17.69
N ALA F 113 15.29 2.44 -18.70
CA ALA F 113 16.66 2.21 -19.15
C ALA F 113 16.82 2.81 -20.54
N ASN F 114 15.72 3.30 -21.10
CA ASN F 114 15.74 3.90 -22.44
C ASN F 114 16.35 5.29 -22.41
N PRO F 115 16.72 5.81 -23.60
CA PRO F 115 17.31 7.16 -23.70
C PRO F 115 16.25 8.09 -23.13
N LEU F 116 16.65 8.95 -22.20
CA LEU F 116 15.73 9.85 -21.52
C LEU F 116 16.11 11.32 -21.64
N LYS F 117 15.12 12.16 -21.93
CA LYS F 117 15.31 13.61 -22.04
C LYS F 117 14.19 14.25 -21.24
N VAL F 118 14.52 15.30 -20.50
CA VAL F 118 13.53 15.96 -19.65
C VAL F 118 13.14 17.35 -20.14
N VAL F 119 11.84 17.59 -20.23
CA VAL F 119 11.35 18.90 -20.65
C VAL F 119 11.20 19.73 -19.39
N VAL F 120 11.87 20.87 -19.33
CA VAL F 120 11.78 21.72 -18.14
C VAL F 120 11.40 23.16 -18.50
N ALA F 121 10.80 23.85 -17.55
CA ALA F 121 10.40 25.24 -17.73
C ALA F 121 11.25 26.03 -16.74
N GLU F 122 11.78 27.16 -17.18
CA GLU F 122 12.62 27.96 -16.29
C GLU F 122 12.18 29.42 -16.19
N GLU F 123 12.18 29.94 -14.97
CA GLU F 123 11.83 31.34 -14.71
C GLU F 123 12.63 31.81 -13.51
N GLY F 124 13.58 32.71 -13.75
CA GLY F 124 14.40 33.21 -12.66
C GLY F 124 15.25 32.08 -12.10
N GLU F 125 15.27 31.96 -10.77
CA GLU F 125 16.06 30.89 -10.16
C GLU F 125 15.19 29.69 -9.80
N GLN F 126 14.22 29.41 -10.67
CA GLN F 126 13.34 28.27 -10.46
C GLN F 126 13.16 27.49 -11.76
N ARG F 127 13.00 26.18 -11.63
CA ARG F 127 12.79 25.31 -12.78
C ARG F 127 11.72 24.28 -12.43
N ALA F 128 10.99 23.83 -13.44
CA ALA F 128 9.95 22.84 -13.24
C ALA F 128 10.10 21.72 -14.27
N ILE F 129 9.91 20.48 -13.82
CA ILE F 129 9.96 19.37 -14.76
C ILE F 129 8.55 19.29 -15.37
N LEU F 130 8.45 19.38 -16.69
CA LEU F 130 7.14 19.32 -17.33
C LEU F 130 6.79 17.94 -17.88
N GLY F 131 7.81 17.14 -18.16
CA GLY F 131 7.56 15.81 -18.69
C GLY F 131 8.85 15.15 -19.12
N VAL F 132 8.76 13.91 -19.56
CA VAL F 132 9.96 13.19 -19.98
C VAL F 132 9.75 12.46 -21.28
N ASP F 134 10.69 9.33 -22.87
CA ASP F 134 11.20 8.03 -22.47
C ASP F 134 11.18 7.08 -23.66
N GLY F 135 12.36 6.85 -24.24
CA GLY F 135 12.41 5.96 -25.36
C GLY F 135 11.78 6.58 -26.59
N PHE F 136 11.41 5.73 -27.56
CA PHE F 136 10.89 6.23 -28.82
C PHE F 136 9.43 5.99 -29.18
N THR F 137 8.98 6.69 -30.22
CA THR F 137 7.61 6.57 -30.72
C THR F 137 7.39 5.17 -31.29
N PRO F 138 6.12 4.74 -31.36
CA PRO F 138 5.76 3.41 -31.88
C PRO F 138 5.98 3.24 -33.38
N LEU F 139 6.43 2.07 -33.79
CA LEU F 139 6.66 1.78 -35.21
C LEU F 139 5.51 0.97 -35.79
N GLY F 140 4.62 0.51 -34.91
CA GLY F 140 3.49 -0.28 -35.37
C GLY F 140 2.72 -0.88 -34.21
N VAL F 141 1.87 -1.85 -34.52
CA VAL F 141 1.03 -2.54 -33.53
C VAL F 141 1.28 -4.04 -33.62
N GLU F 142 1.43 -4.69 -32.47
CA GLU F 142 1.70 -6.13 -32.45
C GLU F 142 0.56 -6.96 -33.03
N ASP F 143 0.91 -8.08 -33.67
CA ASP F 143 -0.10 -8.99 -34.20
C ASP F 143 -0.08 -10.19 -33.25
N GLU F 144 -0.87 -11.22 -33.50
CA GLU F 144 -0.88 -12.37 -32.58
C GLU F 144 0.45 -13.11 -32.48
N ALA F 145 1.23 -13.11 -33.56
CA ALA F 145 2.53 -13.79 -33.51
C ALA F 145 3.41 -13.07 -32.51
N GLU F 146 3.40 -11.75 -32.55
CA GLU F 146 4.20 -10.92 -31.65
C GLU F 146 3.70 -11.06 -30.21
N VAL F 147 2.39 -11.26 -30.05
CA VAL F 147 1.85 -11.45 -28.71
C VAL F 147 2.47 -12.73 -28.17
N ALA F 148 2.46 -13.77 -29.00
CA ALA F 148 3.03 -15.06 -28.60
C ALA F 148 4.50 -14.91 -28.26
N TRP F 149 5.22 -14.06 -29.00
CA TRP F 149 6.64 -13.84 -28.73
C TRP F 149 6.90 -13.16 -27.40
N ARG F 150 6.07 -12.17 -27.03
CA ARG F 150 6.31 -11.51 -25.75
C ARG F 150 5.87 -12.38 -24.58
N LYS F 151 4.95 -13.30 -24.81
CA LYS F 151 4.52 -14.21 -23.75
C LYS F 151 5.69 -15.19 -23.53
N ASP F 152 6.24 -15.68 -24.64
CA ASP F 152 7.36 -16.61 -24.59
C ASP F 152 8.55 -15.97 -23.89
N LEU F 153 8.80 -14.70 -24.19
CA LEU F 153 9.91 -13.99 -23.57
C LEU F 153 9.81 -14.01 -22.05
N LEU F 154 8.64 -13.66 -21.50
CA LEU F 154 8.49 -13.63 -20.06
C LEU F 154 8.63 -15.00 -19.39
N ARG F 155 8.21 -16.06 -20.08
CA ARG F 155 8.34 -17.40 -19.51
C ARG F 155 9.81 -17.79 -19.53
N ARG F 156 10.53 -17.40 -20.58
CA ARG F 156 11.95 -17.73 -20.66
C ARG F 156 12.73 -16.93 -19.63
N LEU F 157 12.26 -15.73 -19.31
CA LEU F 157 12.92 -14.89 -18.32
C LEU F 157 12.56 -15.32 -16.91
N GLY F 158 11.53 -16.16 -16.80
CA GLY F 158 11.10 -16.64 -15.51
C GLY F 158 10.10 -15.75 -14.79
N TYR F 159 9.54 -14.76 -15.48
CA TYR F 159 8.57 -13.85 -14.86
C TYR F 159 7.14 -14.36 -14.93
N LYS F 160 6.87 -15.27 -15.86
CA LYS F 160 5.56 -15.85 -16.00
C LYS F 160 5.74 -17.36 -16.10
N LEU F 161 4.75 -18.11 -15.64
CA LEU F 161 4.84 -19.56 -15.65
C LEU F 161 4.00 -20.14 -16.79
#